data_7Z8N
#
_entry.id   7Z8N
#
_cell.length_a   63.710
_cell.length_b   76.850
_cell.length_c   178.650
_cell.angle_alpha   90.000
_cell.angle_beta   97.300
_cell.angle_gamma   90.000
#
_symmetry.space_group_name_H-M   'P 1 21 1'
#
loop_
_entity.id
_entity.type
_entity.pdbx_description
1 polymer 'Histidine kinase'
2 non-polymer 'CALCIUM ION'
3 non-polymer R-1,2-PROPANEDIOL
4 water water
#
_entity_poly.entity_id   1
_entity_poly.type   'polypeptide(L)'
_entity_poly.pdbx_seq_one_letter_code
;(MSE)GHHHHHHSSGVDLGTENLYFQS(MSE)GSNELDELASGINR(MSE)AETLQSAQEE(MSE)QHNIDQATEDVRQN
LETIEIQNIELDLARKEALEASRIKSEFLAN(MSE)SHEIRTPLNGILGFTNLLQKSELSPRQQDYLTTIQKSAESLLGI
INEILDFSKIEAGKLVLENLPFNLRDLIQDALT(MSE)LAPAAHEKQLELVSLVYRDTPIQLQGDPQRLKQILTNLVGNA
IKFTQGGTVAVRA(MSE)LEDESDDRAQLRISVQDTGIGLSEEDQQALFKAFSQADNSLSRQAGGTGLGLVISKRLIEQ
(MSE)GGEIGVDSTPGEGAEFWISLSLPKS
;
_entity_poly.pdbx_strand_id   A,B,C,D
#
loop_
_chem_comp.id
_chem_comp.type
_chem_comp.name
_chem_comp.formula
CA non-polymer 'CALCIUM ION' 'Ca 2'
PGR non-polymer R-1,2-PROPANEDIOL 'C3 H8 O2'
#
# COMPACT_ATOMS: atom_id res chain seq x y z
N SER A 26 -13.89 -12.90 -19.85
CA SER A 26 -12.98 -11.96 -19.21
C SER A 26 -13.17 -11.88 -17.70
N ASN A 27 -13.59 -12.97 -17.07
CA ASN A 27 -13.85 -12.99 -15.64
C ASN A 27 -12.60 -12.76 -14.77
N GLU A 28 -11.41 -13.15 -15.25
CA GLU A 28 -10.17 -12.95 -14.51
C GLU A 28 -9.52 -11.58 -14.78
N LEU A 29 -9.89 -10.89 -15.87
CA LEU A 29 -9.31 -9.60 -16.21
C LEU A 29 -9.83 -8.50 -15.29
N ASP A 30 -11.13 -8.56 -14.91
CA ASP A 30 -11.72 -7.57 -13.99
C ASP A 30 -11.22 -7.75 -12.55
N GLU A 31 -10.73 -8.96 -12.19
CA GLU A 31 -10.22 -9.27 -10.86
C GLU A 31 -8.84 -8.60 -10.62
N LEU A 32 -8.02 -8.53 -11.67
CA LEU A 32 -6.69 -7.90 -11.60
C LEU A 32 -6.83 -6.37 -11.59
N ALA A 33 -7.83 -5.82 -12.31
CA ALA A 33 -8.09 -4.39 -12.37
C ALA A 33 -8.68 -3.86 -11.07
N SER A 34 -9.45 -4.70 -10.35
CA SER A 34 -10.05 -4.30 -9.07
C SER A 34 -9.21 -4.71 -7.85
N GLY A 35 -8.30 -5.68 -8.02
CA GLY A 35 -7.41 -6.12 -6.96
C GLY A 35 -6.33 -5.11 -6.66
N ILE A 36 -5.83 -4.44 -7.70
CA ILE A 36 -4.82 -3.39 -7.56
C ILE A 36 -5.41 -2.13 -6.90
N ASN A 37 -6.71 -1.85 -7.12
CA ASN A 37 -7.40 -0.71 -6.51
C ASN A 37 -7.69 -1.00 -5.04
N ARG A 38 -7.95 -2.27 -4.68
CA ARG A 38 -8.20 -2.69 -3.30
C ARG A 38 -6.88 -2.70 -2.52
N MSE A 39 -5.78 -3.08 -3.16
CA MSE A 39 -4.45 -3.10 -2.55
C MSE A 39 -3.96 -1.67 -2.28
O MSE A 39 -3.43 -1.40 -1.20
CB MSE A 39 -3.44 -3.85 -3.44
CG MSE A 39 -2.04 -3.91 -2.87
SE MSE A 39 -0.77 -4.64 -4.15
CE MSE A 39 0.07 -5.96 -3.07
N ALA A 40 -4.16 -0.75 -3.24
CA ALA A 40 -3.77 0.66 -3.09
C ALA A 40 -4.66 1.43 -2.11
N GLU A 41 -5.88 0.95 -1.86
CA GLU A 41 -6.79 1.59 -0.91
C GLU A 41 -6.34 1.30 0.52
N THR A 42 -5.78 0.10 0.79
CA THR A 42 -5.25 -0.25 2.10
C THR A 42 -3.92 0.46 2.41
N LEU A 43 -3.16 0.85 1.38
CA LEU A 43 -1.90 1.57 1.56
C LEU A 43 -2.14 3.05 1.91
N GLN A 44 -3.20 3.65 1.35
CA GLN A 44 -3.58 5.04 1.65
C GLN A 44 -4.18 5.14 3.07
N SER A 45 -4.82 4.06 3.56
CA SER A 45 -5.40 4.00 4.91
C SER A 45 -4.29 3.74 5.93
N ALA A 46 -3.25 2.95 5.57
CA ALA A 46 -2.13 2.70 6.46
C ALA A 46 -1.20 3.93 6.54
N GLN A 47 -1.09 4.70 5.45
CA GLN A 47 -0.28 5.91 5.46
C GLN A 47 -0.93 7.07 6.26
N GLU A 48 -2.27 7.04 6.41
CA GLU A 48 -2.99 8.01 7.23
C GLU A 48 -2.75 7.69 8.72
N GLU A 49 -2.67 6.40 9.08
CA GLU A 49 -2.36 5.93 10.43
C GLU A 49 -0.90 6.23 10.75
N MSE A 50 0.01 6.04 9.78
CA MSE A 50 1.44 6.33 9.97
C MSE A 50 1.76 7.84 9.97
O MSE A 50 2.78 8.26 10.54
CB MSE A 50 2.29 5.57 8.95
CG MSE A 50 3.28 4.62 9.57
SE MSE A 50 4.03 3.48 8.16
CE MSE A 50 2.40 2.63 7.58
N GLN A 51 0.89 8.67 9.37
CA GLN A 51 1.06 10.13 9.39
C GLN A 51 0.63 10.69 10.77
N HIS A 52 -0.35 10.03 11.43
CA HIS A 52 -0.82 10.36 12.78
C HIS A 52 0.29 10.07 13.81
N ASN A 53 1.14 9.05 13.55
CA ASN A 53 2.27 8.70 14.42
C ASN A 53 3.39 9.74 14.26
N ILE A 54 3.59 10.28 13.05
CA ILE A 54 4.59 11.30 12.76
C ILE A 54 4.15 12.67 13.35
N ASP A 55 2.84 12.97 13.28
CA ASP A 55 2.27 14.19 13.86
C ASP A 55 2.26 14.16 15.40
N GLN A 56 2.22 12.95 16.00
CA GLN A 56 2.25 12.78 17.45
C GLN A 56 3.70 12.78 17.96
N ALA A 57 4.67 12.34 17.14
CA ALA A 57 6.09 12.34 17.52
C ALA A 57 6.66 13.76 17.53
N THR A 58 6.14 14.66 16.69
CA THR A 58 6.57 16.06 16.69
C THR A 58 6.04 16.85 17.92
N GLU A 59 4.94 16.35 18.54
CA GLU A 59 4.35 16.96 19.74
C GLU A 59 4.96 16.33 21.00
N ASP A 60 5.18 15.01 20.99
CA ASP A 60 5.76 14.30 22.14
C ASP A 60 7.22 14.68 22.35
N VAL A 61 7.96 14.99 21.27
CA VAL A 61 9.35 15.41 21.40
C VAL A 61 9.41 16.88 21.88
N ARG A 62 8.46 17.72 21.41
CA ARG A 62 8.37 19.13 21.80
C ARG A 62 8.07 19.27 23.31
N GLN A 63 7.17 18.43 23.82
CA GLN A 63 6.79 18.41 25.24
C GLN A 63 7.96 17.95 26.11
N ASN A 64 8.79 17.02 25.60
CA ASN A 64 9.96 16.51 26.31
C ASN A 64 11.05 17.57 26.38
N LEU A 65 11.42 18.21 25.25
CA LEU A 65 12.44 19.28 25.28
C LEU A 65 11.95 20.56 25.99
N GLU A 66 10.63 20.68 26.23
CA GLU A 66 10.05 21.80 26.96
C GLU A 66 10.23 21.53 28.47
N THR A 67 9.93 20.29 28.90
CA THR A 67 10.07 19.92 30.31
C THR A 67 11.54 19.76 30.71
N ILE A 68 12.45 19.37 29.78
CA ILE A 68 13.87 19.28 30.12
C ILE A 68 14.45 20.66 30.37
N GLU A 69 13.97 21.70 29.66
CA GLU A 69 14.47 23.06 29.87
C GLU A 69 13.76 23.77 31.03
N ILE A 70 12.49 23.39 31.31
CA ILE A 70 11.75 23.96 32.43
C ILE A 70 12.35 23.40 33.74
N GLN A 71 12.57 22.07 33.78
CA GLN A 71 13.17 21.42 34.94
C GLN A 71 14.64 21.80 35.08
N ASN A 72 15.35 22.07 33.97
CA ASN A 72 16.76 22.47 34.01
C ASN A 72 16.91 23.86 34.64
N ILE A 73 15.93 24.75 34.45
CA ILE A 73 16.00 26.08 35.03
C ILE A 73 15.60 26.07 36.53
N GLU A 74 14.76 25.12 36.95
CA GLU A 74 14.37 24.97 38.36
C GLU A 74 15.53 24.36 39.16
N LEU A 75 16.34 23.49 38.53
CA LEU A 75 17.53 22.91 39.15
C LEU A 75 18.62 23.95 39.31
N ASP A 76 18.70 24.95 38.42
CA ASP A 76 19.67 26.04 38.55
C ASP A 76 19.23 27.01 39.65
N LEU A 77 17.90 27.19 39.83
CA LEU A 77 17.31 28.05 40.85
C LEU A 77 17.51 27.44 42.26
N ALA A 78 17.20 26.15 42.43
CA ALA A 78 17.34 25.47 43.71
C ALA A 78 18.82 25.36 44.14
N ARG A 79 19.71 25.21 43.15
CA ARG A 79 21.16 25.12 43.37
C ARG A 79 21.70 26.46 43.82
N LYS A 80 21.19 27.58 43.25
CA LYS A 80 21.61 28.93 43.60
C LYS A 80 21.06 29.33 44.98
N GLU A 81 19.84 28.87 45.31
CA GLU A 81 19.19 29.17 46.59
C GLU A 81 19.88 28.44 47.75
N ALA A 82 20.38 27.22 47.51
CA ALA A 82 21.07 26.46 48.53
C ALA A 82 22.46 27.06 48.81
N LEU A 83 23.12 27.58 47.77
CA LEU A 83 24.43 28.21 47.92
C LEU A 83 24.31 29.55 48.66
N GLU A 84 23.19 30.26 48.48
CA GLU A 84 22.95 31.52 49.17
C GLU A 84 22.53 31.28 50.63
N ALA A 85 21.76 30.21 50.89
CA ALA A 85 21.36 29.87 52.25
C ALA A 85 22.57 29.45 53.09
N SER A 86 23.59 28.84 52.47
CA SER A 86 24.83 28.42 53.14
C SER A 86 25.75 29.61 53.40
N ARG A 87 25.75 30.58 52.50
CA ARG A 87 26.56 31.79 52.65
C ARG A 87 25.96 32.67 53.76
N ILE A 88 24.62 32.74 53.81
CA ILE A 88 23.91 33.52 54.81
C ILE A 88 23.99 32.83 56.19
N LYS A 89 23.92 31.49 56.26
CA LYS A 89 24.02 30.73 57.51
C LYS A 89 25.38 31.00 58.16
N SER A 90 26.45 31.00 57.34
CA SER A 90 27.82 31.24 57.77
C SER A 90 28.01 32.67 58.30
N GLU A 91 27.45 33.66 57.60
CA GLU A 91 27.54 35.06 58.00
C GLU A 91 26.76 35.31 59.28
N PHE A 92 25.60 34.68 59.41
CA PHE A 92 24.72 34.85 60.55
C PHE A 92 25.38 34.35 61.83
N LEU A 93 26.03 33.19 61.74
CA LEU A 93 26.71 32.59 62.88
C LEU A 93 27.90 33.42 63.31
N ALA A 94 28.67 33.97 62.34
CA ALA A 94 29.83 34.80 62.64
C ALA A 94 29.41 36.08 63.33
N ASN A 95 28.30 36.68 62.89
CA ASN A 95 27.76 37.90 63.47
C ASN A 95 27.22 37.68 64.88
N MSE A 96 26.64 36.51 65.11
CA MSE A 96 26.10 36.14 66.41
CA MSE A 96 26.14 36.21 66.44
C MSE A 96 27.26 35.90 67.40
O MSE A 96 27.17 36.29 68.55
CB MSE A 96 25.26 34.90 66.21
CB MSE A 96 25.12 35.11 66.44
CG MSE A 96 24.86 34.19 67.46
CG MSE A 96 23.89 35.53 67.18
SE MSE A 96 23.99 32.59 66.89
SE MSE A 96 22.43 35.17 66.04
CE MSE A 96 22.41 33.35 66.20
CE MSE A 96 22.56 33.21 66.17
N SER A 97 28.33 35.29 66.93
CA SER A 97 29.50 35.03 67.75
C SER A 97 30.12 36.38 68.18
N HIS A 98 30.20 37.35 67.26
CA HIS A 98 30.75 38.67 67.54
C HIS A 98 29.86 39.44 68.50
N GLU A 99 28.52 39.30 68.37
CA GLU A 99 27.55 39.97 69.23
C GLU A 99 27.68 39.52 70.68
N ILE A 100 27.99 38.24 70.91
CA ILE A 100 28.16 37.66 72.23
C ILE A 100 29.55 37.97 72.78
N ARG A 101 30.57 37.99 71.91
CA ARG A 101 31.95 38.29 72.26
C ARG A 101 32.14 39.66 72.90
N THR A 102 31.39 40.68 72.47
CA THR A 102 31.50 42.02 73.03
C THR A 102 31.19 42.03 74.53
N PRO A 103 29.96 41.68 74.99
CA PRO A 103 29.72 41.62 76.44
C PRO A 103 30.56 40.58 77.18
N LEU A 104 30.91 39.47 76.53
CA LEU A 104 31.72 38.44 77.18
C LEU A 104 33.11 38.95 77.51
N ASN A 105 33.69 39.76 76.62
CA ASN A 105 35.01 40.34 76.86
C ASN A 105 35.01 41.32 78.04
N GLY A 106 33.88 41.99 78.27
CA GLY A 106 33.70 42.89 79.39
C GLY A 106 33.65 42.09 80.67
N ILE A 107 32.95 40.96 80.68
CA ILE A 107 32.88 40.07 81.84
C ILE A 107 34.28 39.54 82.14
N LEU A 108 35.01 39.09 81.11
CA LEU A 108 36.36 38.55 81.30
C LEU A 108 37.33 39.60 81.79
N GLY A 109 37.24 40.79 81.23
CA GLY A 109 38.11 41.89 81.61
C GLY A 109 37.92 42.36 83.03
N PHE A 110 36.67 42.61 83.45
CA PHE A 110 36.36 43.03 84.82
C PHE A 110 36.54 41.93 85.85
N THR A 111 36.46 40.65 85.44
CA THR A 111 36.70 39.53 86.35
C THR A 111 38.20 39.52 86.69
N ASN A 112 39.08 39.74 85.70
CA ASN A 112 40.53 39.81 85.92
C ASN A 112 40.92 40.97 86.83
N LEU A 113 40.27 42.13 86.64
CA LEU A 113 40.49 43.34 87.43
C LEU A 113 40.12 43.06 88.88
N LEU A 114 38.99 42.35 89.12
CA LEU A 114 38.53 41.99 90.46
C LEU A 114 39.46 40.98 91.07
N GLN A 115 39.97 40.02 90.28
CA GLN A 115 40.90 39.00 90.76
C GLN A 115 42.21 39.59 91.24
N LYS A 116 42.61 40.76 90.71
CA LYS A 116 43.82 41.47 91.17
C LYS A 116 43.55 42.41 92.35
N SER A 117 42.39 42.30 93.01
CA SER A 117 42.06 43.17 94.14
C SER A 117 41.99 42.38 95.46
N GLU A 118 41.89 43.10 96.58
CA GLU A 118 41.86 42.51 97.90
C GLU A 118 40.53 41.84 98.17
N LEU A 119 40.52 40.50 98.15
CA LEU A 119 39.33 39.68 98.37
C LEU A 119 39.62 38.52 99.34
N SER A 120 38.58 38.04 100.01
CA SER A 120 38.74 36.93 100.92
C SER A 120 38.84 35.61 100.13
N PRO A 121 39.34 34.51 100.73
CA PRO A 121 39.40 33.24 99.98
C PRO A 121 38.06 32.79 99.43
N ARG A 122 36.96 33.05 100.15
CA ARG A 122 35.61 32.71 99.71
C ARG A 122 35.23 33.57 98.52
N GLN A 123 35.48 34.87 98.56
CA GLN A 123 35.21 35.79 97.45
C GLN A 123 36.00 35.40 96.21
N GLN A 124 37.25 34.93 96.39
CA GLN A 124 38.05 34.50 95.25
CA GLN A 124 38.12 34.47 95.31
C GLN A 124 37.54 33.20 94.65
N ASP A 125 36.88 32.34 95.42
CA ASP A 125 36.28 31.10 94.92
C ASP A 125 35.11 31.44 93.98
N TYR A 126 34.30 32.42 94.35
CA TYR A 126 33.15 32.85 93.56
C TYR A 126 33.65 33.46 92.23
N LEU A 127 34.76 34.25 92.26
CA LEU A 127 35.34 34.80 91.02
C LEU A 127 35.92 33.74 90.15
N THR A 128 36.61 32.74 90.73
CA THR A 128 37.15 31.62 89.96
C THR A 128 36.05 30.87 89.22
N THR A 129 34.85 30.78 89.82
CA THR A 129 33.68 30.17 89.20
C THR A 129 33.14 31.04 88.07
N ILE A 130 33.04 32.35 88.25
CA ILE A 130 32.62 33.28 87.20
C ILE A 130 33.62 33.22 86.03
N GLN A 131 34.92 33.12 86.34
CA GLN A 131 35.98 33.04 85.35
C GLN A 131 35.92 31.78 84.55
N LYS A 132 35.71 30.64 85.20
CA LYS A 132 35.63 29.36 84.50
C LYS A 132 34.39 29.28 83.65
N SER A 133 33.28 29.88 84.13
CA SER A 133 32.03 29.91 83.38
C SER A 133 32.21 30.78 82.16
N ALA A 134 32.88 31.94 82.29
CA ALA A 134 33.08 32.85 81.18
C ALA A 134 34.06 32.25 80.17
N GLU A 135 35.07 31.48 80.64
CA GLU A 135 36.02 30.81 79.75
C GLU A 135 35.36 29.69 78.97
N SER A 136 34.39 28.98 79.56
CA SER A 136 33.67 27.95 78.82
C SER A 136 32.75 28.61 77.80
N LEU A 137 32.10 29.72 78.16
CA LEU A 137 31.25 30.49 77.27
C LEU A 137 32.09 31.00 76.08
N LEU A 138 33.35 31.41 76.32
CA LEU A 138 34.28 31.82 75.28
C LEU A 138 34.61 30.67 74.35
N GLY A 139 34.78 29.48 74.90
CA GLY A 139 35.05 28.28 74.10
C GLY A 139 33.88 27.95 73.19
N ILE A 140 32.63 28.18 73.66
CA ILE A 140 31.42 27.95 72.87
C ILE A 140 31.34 28.94 71.70
N ILE A 141 31.49 30.25 71.94
CA ILE A 141 31.43 31.22 70.84
C ILE A 141 32.64 31.10 69.90
N ASN A 142 33.75 30.48 70.34
CA ASN A 142 34.87 30.21 69.44
C ASN A 142 34.49 29.05 68.55
N GLU A 143 33.71 28.06 69.04
CA GLU A 143 33.23 26.94 68.22
C GLU A 143 32.22 27.45 67.21
N ILE A 144 31.36 28.41 67.58
CA ILE A 144 30.39 28.98 66.64
C ILE A 144 31.13 29.71 65.52
N LEU A 145 32.20 30.44 65.85
CA LEU A 145 33.00 31.14 64.86
C LEU A 145 33.77 30.16 64.00
N ASP A 146 34.30 29.07 64.59
CA ASP A 146 35.02 28.00 63.92
C ASP A 146 34.10 27.35 62.92
N PHE A 147 32.86 27.05 63.32
CA PHE A 147 31.87 26.38 62.48
C PHE A 147 31.44 27.28 61.33
N SER A 148 31.33 28.59 61.56
CA SER A 148 30.96 29.52 60.49
C SER A 148 32.07 29.60 59.42
N LYS A 149 33.34 29.41 59.83
CA LYS A 149 34.45 29.43 58.91
C LYS A 149 34.49 28.13 58.12
N ILE A 150 34.19 27.00 58.76
CA ILE A 150 34.16 25.70 58.11
C ILE A 150 33.00 25.67 57.10
N GLU A 151 31.83 26.23 57.48
CA GLU A 151 30.64 26.35 56.64
C GLU A 151 30.90 27.22 55.40
N ALA A 152 31.81 28.18 55.50
CA ALA A 152 32.20 29.03 54.37
C ALA A 152 33.43 28.50 53.58
N GLY A 153 34.08 27.45 54.07
CA GLY A 153 35.32 26.91 53.48
C GLY A 153 36.56 27.74 53.78
N LYS A 154 36.45 28.73 54.67
CA LYS A 154 37.54 29.63 54.97
C LYS A 154 38.37 29.26 56.22
N LEU A 155 38.40 27.98 56.60
CA LEU A 155 39.15 27.57 57.79
C LEU A 155 40.54 27.10 57.44
N VAL A 156 41.56 27.76 57.98
CA VAL A 156 42.96 27.43 57.74
C VAL A 156 43.59 26.58 58.86
N LEU A 157 44.06 25.39 58.50
CA LEU A 157 44.71 24.50 59.47
C LEU A 157 46.19 24.83 59.58
N GLU A 158 46.73 24.88 60.81
CA GLU A 158 48.15 25.15 61.00
C GLU A 158 49.03 24.00 60.50
N ASN A 159 50.35 24.24 60.40
CA ASN A 159 51.31 23.26 59.91
C ASN A 159 52.50 23.25 60.87
N LEU A 160 52.36 22.55 61.99
CA LEU A 160 53.38 22.50 63.01
C LEU A 160 53.75 21.06 63.35
N PRO A 161 55.04 20.79 63.56
CA PRO A 161 55.43 19.44 64.01
C PRO A 161 54.96 19.23 65.46
N PHE A 162 54.56 17.99 65.79
CA PHE A 162 54.09 17.68 67.15
C PHE A 162 54.39 16.24 67.58
N ASN A 163 54.31 15.97 68.89
CA ASN A 163 54.49 14.63 69.43
C ASN A 163 53.10 14.09 69.76
N LEU A 164 52.68 13.03 69.05
CA LEU A 164 51.36 12.44 69.25
C LEU A 164 51.17 11.86 70.65
N ARG A 165 52.23 11.27 71.24
CA ARG A 165 52.12 10.73 72.60
C ARG A 165 51.87 11.86 73.59
N ASP A 166 52.62 12.96 73.47
CA ASP A 166 52.46 14.12 74.34
C ASP A 166 51.09 14.74 74.18
N LEU A 167 50.58 14.81 72.94
CA LEU A 167 49.28 15.39 72.61
C LEU A 167 48.15 14.64 73.33
N ILE A 168 48.14 13.31 73.26
CA ILE A 168 47.10 12.51 73.89
C ILE A 168 47.21 12.58 75.41
N GLN A 169 48.43 12.60 75.95
CA GLN A 169 48.64 12.69 77.40
C GLN A 169 48.17 14.02 77.95
N ASP A 170 48.38 15.12 77.18
CA ASP A 170 47.96 16.45 77.59
C ASP A 170 46.43 16.59 77.55
N ALA A 171 45.78 15.97 76.55
CA ALA A 171 44.33 16.00 76.42
C ALA A 171 43.66 15.18 77.56
N LEU A 172 44.31 14.10 78.00
CA LEU A 172 43.80 13.27 79.09
C LEU A 172 44.02 13.92 80.46
N THR A 173 45.10 14.71 80.61
CA THR A 173 45.37 15.44 81.85
C THR A 173 44.30 16.53 82.07
N MSE A 174 43.85 17.16 80.98
CA MSE A 174 42.80 18.18 80.92
C MSE A 174 41.44 17.63 81.34
O MSE A 174 40.58 18.37 81.84
CB MSE A 174 42.69 18.67 79.48
CG MSE A 174 42.67 20.16 79.34
SE MSE A 174 43.58 20.65 77.69
CE MSE A 174 45.43 20.63 78.37
N LEU A 175 41.20 16.35 81.07
CA LEU A 175 39.94 15.70 81.38
C LEU A 175 39.97 14.80 82.61
N ALA A 176 41.11 14.72 83.32
CA ALA A 176 41.23 13.94 84.55
C ALA A 176 40.30 14.42 85.68
N PRO A 177 40.08 15.75 85.90
CA PRO A 177 39.12 16.15 86.96
C PRO A 177 37.71 15.63 86.69
N ALA A 178 37.22 15.76 85.43
CA ALA A 178 35.89 15.31 85.02
C ALA A 178 35.74 13.80 85.11
N ALA A 179 36.80 13.05 84.80
CA ALA A 179 36.79 11.60 84.87
C ALA A 179 36.80 11.13 86.33
N HIS A 180 37.61 11.78 87.18
CA HIS A 180 37.68 11.43 88.60
C HIS A 180 36.39 11.84 89.36
N GLU A 181 35.65 12.83 88.84
CA GLU A 181 34.37 13.28 89.41
C GLU A 181 33.35 12.13 89.32
N LYS A 182 33.36 11.37 88.21
CA LYS A 182 32.43 10.26 88.00
C LYS A 182 33.00 8.89 88.38
N GLN A 183 34.15 8.86 89.10
CA GLN A 183 34.85 7.65 89.55
C GLN A 183 35.35 6.77 88.40
N LEU A 184 35.83 7.41 87.33
CA LEU A 184 36.35 6.72 86.16
C LEU A 184 37.88 6.86 86.09
N GLU A 185 38.52 5.93 85.37
CA GLU A 185 39.95 5.98 85.16
C GLU A 185 40.24 6.38 83.72
N LEU A 186 41.28 7.21 83.50
CA LEU A 186 41.65 7.63 82.15
C LEU A 186 42.93 6.93 81.78
N VAL A 187 42.88 6.11 80.75
CA VAL A 187 44.04 5.33 80.32
C VAL A 187 44.45 5.74 78.91
N SER A 188 45.77 5.82 78.69
CA SER A 188 46.33 6.16 77.38
C SER A 188 47.27 5.07 76.93
N LEU A 189 47.26 4.76 75.64
CA LEU A 189 48.12 3.73 75.11
C LEU A 189 48.58 3.99 73.71
N VAL A 190 49.84 4.41 73.58
CA VAL A 190 50.46 4.63 72.28
C VAL A 190 51.45 3.50 72.10
N TYR A 191 51.21 2.65 71.09
CA TYR A 191 52.05 1.48 70.84
C TYR A 191 53.48 1.83 70.39
N ARG A 192 54.40 0.85 70.51
CA ARG A 192 55.80 1.01 70.12
C ARG A 192 55.96 1.34 68.63
N ASP A 193 55.17 0.68 67.78
CA ASP A 193 55.23 0.89 66.33
C ASP A 193 54.44 2.12 65.84
N THR A 194 53.81 2.88 66.75
CA THR A 194 53.05 4.06 66.35
C THR A 194 53.98 5.25 66.13
N PRO A 195 54.00 5.80 64.90
CA PRO A 195 54.86 6.97 64.63
C PRO A 195 54.30 8.18 65.36
N ILE A 196 55.05 8.72 66.35
CA ILE A 196 54.56 9.85 67.13
C ILE A 196 55.06 11.21 66.63
N GLN A 197 56.15 11.26 65.86
CA GLN A 197 56.66 12.54 65.35
C GLN A 197 55.97 12.91 64.04
N LEU A 198 54.84 13.62 64.15
CA LEU A 198 54.01 13.98 63.00
C LEU A 198 53.97 15.50 62.75
N GLN A 199 53.19 15.95 61.75
CA GLN A 199 53.07 17.37 61.43
C GLN A 199 51.63 17.70 61.01
N GLY A 200 51.06 18.76 61.57
CA GLY A 200 49.70 19.16 61.24
C GLY A 200 49.18 20.24 62.17
N ASP A 201 47.92 20.11 62.62
CA ASP A 201 47.34 21.09 63.55
C ASP A 201 47.18 20.42 64.90
N PRO A 202 48.16 20.57 65.79
CA PRO A 202 48.06 19.92 67.10
C PRO A 202 46.95 20.45 68.00
N GLN A 203 46.54 21.71 67.83
CA GLN A 203 45.46 22.27 68.64
C GLN A 203 44.09 21.81 68.18
N ARG A 204 43.91 21.64 66.87
CA ARG A 204 42.64 21.16 66.33
C ARG A 204 42.48 19.66 66.54
N LEU A 205 43.59 18.90 66.52
CA LEU A 205 43.56 17.48 66.78
C LEU A 205 43.24 17.24 68.27
N LYS A 206 43.78 18.09 69.16
CA LYS A 206 43.55 18.06 70.60
C LYS A 206 42.10 18.44 70.93
N GLN A 207 41.49 19.34 70.13
CA GLN A 207 40.11 19.80 70.26
C GLN A 207 39.17 18.63 69.99
N ILE A 208 39.48 17.82 68.96
CA ILE A 208 38.72 16.62 68.60
C ILE A 208 38.83 15.60 69.74
N LEU A 209 40.06 15.29 70.19
CA LEU A 209 40.30 14.34 71.27
C LEU A 209 39.64 14.70 72.58
N THR A 210 39.78 15.96 73.03
CA THR A 210 39.15 16.38 74.29
C THR A 210 37.63 16.27 74.21
N ASN A 211 37.04 16.55 73.04
CA ASN A 211 35.61 16.44 72.86
C ASN A 211 35.18 14.98 72.91
N LEU A 212 35.91 14.09 72.21
CA LEU A 212 35.56 12.67 72.18
C LEU A 212 35.71 12.02 73.54
N VAL A 213 36.81 12.31 74.24
CA VAL A 213 37.05 11.75 75.58
C VAL A 213 36.06 12.33 76.60
N GLY A 214 35.76 13.62 76.46
CA GLY A 214 34.81 14.30 77.32
C GLY A 214 33.42 13.74 77.18
N ASN A 215 33.04 13.37 75.94
CA ASN A 215 31.74 12.78 75.66
C ASN A 215 31.71 11.36 76.22
N ALA A 216 32.78 10.58 76.00
CA ALA A 216 32.89 9.23 76.55
C ALA A 216 32.74 9.20 78.08
N ILE A 217 33.26 10.24 78.79
CA ILE A 217 33.15 10.35 80.25
C ILE A 217 31.67 10.49 80.66
N LYS A 218 30.89 11.28 79.90
CA LYS A 218 29.46 11.49 80.17
C LYS A 218 28.64 10.23 79.90
N PHE A 219 29.04 9.42 78.90
CA PHE A 219 28.30 8.24 78.50
C PHE A 219 28.40 7.03 79.45
N THR A 220 29.38 7.00 80.37
CA THR A 220 29.51 5.83 81.27
C THR A 220 29.43 6.21 82.75
N GLN A 221 28.92 5.27 83.56
CA GLN A 221 28.79 5.45 85.00
C GLN A 221 29.99 4.93 85.81
N GLY A 222 30.73 3.99 85.23
CA GLY A 222 31.88 3.39 85.88
C GLY A 222 32.82 2.72 84.90
N GLY A 223 34.01 2.40 85.40
CA GLY A 223 35.02 1.73 84.59
C GLY A 223 36.14 2.65 84.16
N THR A 224 36.67 2.37 82.97
CA THR A 224 37.78 3.12 82.39
C THR A 224 37.44 3.64 81.00
N VAL A 225 37.92 4.83 80.66
CA VAL A 225 37.83 5.40 79.32
C VAL A 225 39.24 5.16 78.79
N ALA A 226 39.40 4.33 77.75
CA ALA A 226 40.72 4.01 77.23
C ALA A 226 40.98 4.58 75.86
N VAL A 227 42.09 5.34 75.71
CA VAL A 227 42.47 5.90 74.42
C VAL A 227 43.65 5.10 73.85
N ARG A 228 43.52 4.57 72.62
CA ARG A 228 44.61 3.82 71.99
C ARG A 228 44.99 4.49 70.69
N ALA A 229 46.30 4.62 70.43
CA ALA A 229 46.78 5.22 69.19
C ALA A 229 47.48 4.13 68.40
N MSE A 230 46.93 3.75 67.25
CA MSE A 230 47.49 2.66 66.46
C MSE A 230 47.83 3.03 65.03
O MSE A 230 47.16 3.86 64.42
CB MSE A 230 46.50 1.48 66.40
CG MSE A 230 45.93 1.08 67.73
SE MSE A 230 44.08 0.52 67.55
CE MSE A 230 43.17 2.21 67.96
N LEU A 231 48.82 2.34 64.45
CA LEU A 231 49.20 2.51 63.06
C LEU A 231 48.30 1.60 62.21
N GLU A 232 47.83 2.09 61.06
CA GLU A 232 47.00 1.31 60.15
C GLU A 232 47.79 1.00 58.87
N ASP A 233 48.46 2.01 58.33
CA ASP A 233 49.26 1.94 57.11
C ASP A 233 50.40 2.96 57.24
N GLU A 234 51.60 2.66 56.68
CA GLU A 234 52.72 3.58 56.81
C GLU A 234 53.60 3.68 55.56
N SER A 235 54.02 4.91 55.24
CA SER A 235 54.92 5.18 54.12
C SER A 235 56.13 6.02 54.61
N ASP A 236 57.08 6.36 53.71
CA ASP A 236 58.27 7.12 54.08
C ASP A 236 57.94 8.54 54.52
N ASP A 237 56.90 9.15 53.91
CA ASP A 237 56.51 10.54 54.18
C ASP A 237 55.30 10.69 55.10
N ARG A 238 54.32 9.76 55.02
CA ARG A 238 53.09 9.86 55.81
C ARG A 238 52.83 8.67 56.75
N ALA A 239 51.83 8.79 57.63
CA ALA A 239 51.42 7.74 58.56
C ALA A 239 49.89 7.75 58.69
N GLN A 240 49.24 6.60 58.49
CA GLN A 240 47.78 6.47 58.61
C GLN A 240 47.49 5.94 60.01
N LEU A 241 46.75 6.71 60.82
CA LEU A 241 46.50 6.33 62.21
C LEU A 241 45.04 6.14 62.55
N ARG A 242 44.80 5.34 63.59
CA ARG A 242 43.48 5.13 64.15
C ARG A 242 43.56 5.42 65.63
N ILE A 243 42.69 6.29 66.15
CA ILE A 243 42.66 6.58 67.57
C ILE A 243 41.28 6.23 68.06
N SER A 244 41.19 5.38 69.08
CA SER A 244 39.90 4.98 69.62
C SER A 244 39.72 5.44 71.06
N VAL A 245 38.53 5.95 71.39
CA VAL A 245 38.19 6.38 72.75
C VAL A 245 37.06 5.43 73.20
N GLN A 246 37.42 4.37 73.94
CA GLN A 246 36.46 3.36 74.33
C GLN A 246 36.07 3.33 75.79
N ASP A 247 34.77 3.18 76.07
CA ASP A 247 34.30 3.00 77.43
C ASP A 247 34.17 1.49 77.58
N THR A 248 35.16 0.83 78.21
CA THR A 248 35.17 -0.62 78.33
C THR A 248 34.01 -1.17 79.17
N GLY A 249 33.55 -0.39 80.14
CA GLY A 249 32.41 -0.75 80.98
C GLY A 249 32.54 -1.98 81.87
N ILE A 250 33.73 -2.19 82.47
CA ILE A 250 33.93 -3.34 83.34
C ILE A 250 33.28 -3.05 84.70
N GLY A 251 32.45 -3.99 85.14
CA GLY A 251 31.72 -3.88 86.39
C GLY A 251 30.40 -3.14 86.29
N LEU A 252 29.99 -2.76 85.07
CA LEU A 252 28.73 -2.05 84.87
C LEU A 252 27.56 -3.00 85.01
N SER A 253 26.50 -2.56 85.72
CA SER A 253 25.28 -3.36 85.85
C SER A 253 24.52 -3.38 84.51
N GLU A 254 23.50 -4.24 84.37
CA GLU A 254 22.73 -4.31 83.12
C GLU A 254 22.07 -2.97 82.75
N GLU A 255 21.61 -2.22 83.76
CA GLU A 255 21.00 -0.90 83.56
C GLU A 255 22.04 0.10 83.03
N ASP A 256 23.24 0.11 83.60
CA ASP A 256 24.33 1.00 83.19
C ASP A 256 24.91 0.60 81.82
N GLN A 257 24.83 -0.70 81.46
CA GLN A 257 25.28 -1.20 80.16
C GLN A 257 24.31 -0.73 79.08
N GLN A 258 22.99 -0.77 79.37
CA GLN A 258 21.96 -0.31 78.44
C GLN A 258 22.10 1.20 78.23
N ALA A 259 22.37 1.95 79.31
CA ALA A 259 22.54 3.40 79.27
C ALA A 259 23.78 3.80 78.48
N LEU A 260 24.84 2.99 78.52
CA LEU A 260 26.09 3.24 77.79
C LEU A 260 25.90 3.08 76.28
N PHE A 261 25.28 1.98 75.85
CA PHE A 261 25.04 1.73 74.42
C PHE A 261 24.04 2.71 73.83
N LYS A 262 23.05 3.16 74.64
CA LYS A 262 22.04 4.14 74.23
C LYS A 262 22.70 5.50 74.01
N ALA A 263 23.62 5.88 74.91
CA ALA A 263 24.34 7.15 74.82
C ALA A 263 25.25 7.20 73.59
N PHE A 264 25.94 6.09 73.30
CA PHE A 264 26.83 6.02 72.14
C PHE A 264 26.08 5.93 70.83
N SER A 265 24.88 5.33 70.83
CA SER A 265 24.07 5.26 69.62
C SER A 265 23.43 6.64 69.33
N GLN A 266 23.16 7.44 70.37
CA GLN A 266 22.65 8.81 70.25
C GLN A 266 23.74 9.71 69.65
N ALA A 267 25.00 9.50 70.06
CA ALA A 267 26.17 10.23 69.54
C ALA A 267 26.46 9.83 68.08
N ASP A 268 26.21 8.56 67.72
CA ASP A 268 26.38 8.07 66.36
C ASP A 268 25.29 8.65 65.45
N ASN A 269 24.09 8.88 65.99
CA ASN A 269 22.99 9.48 65.25
C ASN A 269 23.27 10.96 65.04
N SER A 270 23.78 11.66 66.07
CA SER A 270 24.15 13.08 65.98
C SER A 270 25.33 13.34 65.04
N LEU A 271 26.18 12.32 64.84
CA LEU A 271 27.32 12.38 63.92
C LEU A 271 26.79 12.40 62.48
N SER A 272 25.75 11.60 62.18
CA SER A 272 25.15 11.53 60.85
C SER A 272 24.22 12.73 60.59
N ARG A 273 23.40 13.10 61.59
CA ARG A 273 22.43 14.20 61.53
C ARG A 273 23.10 15.57 61.48
N GLN A 274 24.15 15.76 62.29
CA GLN A 274 24.93 17.00 62.38
C GLN A 274 24.09 18.22 62.77
N ALA A 275 23.16 18.04 63.73
CA ALA A 275 22.33 19.15 64.19
C ALA A 275 22.67 19.66 65.60
N GLY A 276 23.80 19.24 66.14
CA GLY A 276 24.24 19.67 67.46
C GLY A 276 23.56 18.99 68.63
N GLY A 277 22.96 17.82 68.37
CA GLY A 277 22.24 17.04 69.37
C GLY A 277 23.09 16.57 70.53
N THR A 278 24.32 16.14 70.26
CA THR A 278 25.25 15.70 71.29
C THR A 278 26.32 16.82 71.58
N GLY A 279 25.96 18.08 71.34
CA GLY A 279 26.83 19.22 71.54
C GLY A 279 27.43 19.73 70.24
N LEU A 280 27.76 21.02 70.16
CA LEU A 280 28.37 21.62 68.98
C LEU A 280 29.80 21.13 68.76
N GLY A 281 30.49 20.77 69.84
CA GLY A 281 31.85 20.24 69.79
C GLY A 281 31.95 18.99 68.94
N LEU A 282 30.92 18.11 68.95
CA LEU A 282 30.91 16.89 68.14
C LEU A 282 30.72 17.21 66.65
N VAL A 283 29.95 18.26 66.35
CA VAL A 283 29.73 18.75 64.98
C VAL A 283 31.05 19.23 64.39
N ILE A 284 31.79 19.99 65.20
CA ILE A 284 33.08 20.52 64.81
C ILE A 284 34.13 19.42 64.74
N SER A 285 34.08 18.42 65.64
CA SER A 285 35.01 17.29 65.61
C SER A 285 34.89 16.54 64.29
N LYS A 286 33.65 16.37 63.77
CA LYS A 286 33.45 15.69 62.50
C LYS A 286 33.94 16.54 61.33
N ARG A 287 33.62 17.84 61.34
CA ARG A 287 34.05 18.73 60.27
C ARG A 287 35.59 18.94 60.23
N LEU A 288 36.25 18.92 61.39
CA LEU A 288 37.70 19.09 61.50
C LEU A 288 38.42 17.85 61.00
N ILE A 289 37.97 16.64 61.42
CA ILE A 289 38.60 15.39 60.97
C ILE A 289 38.40 15.20 59.47
N GLU A 290 37.25 15.63 58.92
CA GLU A 290 36.97 15.55 57.49
C GLU A 290 37.84 16.52 56.70
N GLN A 291 38.13 17.69 57.28
CA GLN A 291 39.02 18.65 56.64
C GLN A 291 40.47 18.12 56.59
N MSE A 292 40.87 17.32 57.59
CA MSE A 292 42.19 16.70 57.60
C MSE A 292 42.27 15.43 56.70
O MSE A 292 43.30 14.78 56.68
CB MSE A 292 42.59 16.36 59.03
CG MSE A 292 42.56 17.54 59.98
SE MSE A 292 42.94 17.04 61.84
CE MSE A 292 42.49 18.67 62.70
N GLY A 293 41.20 15.11 55.98
CA GLY A 293 41.12 13.95 55.11
C GLY A 293 40.90 12.66 55.87
N GLY A 294 40.10 12.73 56.91
CA GLY A 294 39.83 11.57 57.76
C GLY A 294 38.39 11.21 57.97
N GLU A 295 38.16 10.22 58.83
CA GLU A 295 36.82 9.73 59.16
C GLU A 295 36.61 9.64 60.67
N ILE A 296 35.34 9.61 61.08
CA ILE A 296 34.96 9.48 62.48
C ILE A 296 33.71 8.61 62.59
N GLY A 297 33.69 7.72 63.57
CA GLY A 297 32.55 6.83 63.76
C GLY A 297 32.42 6.30 65.17
N VAL A 298 31.40 5.47 65.39
CA VAL A 298 31.12 4.86 66.68
C VAL A 298 30.97 3.34 66.49
N ASP A 299 31.78 2.54 67.23
CA ASP A 299 31.72 1.08 67.18
C ASP A 299 31.11 0.51 68.47
N SER A 300 30.56 -0.72 68.42
CA SER A 300 29.93 -1.33 69.60
C SER A 300 29.91 -2.86 69.58
N THR A 301 30.19 -3.48 70.75
CA THR A 301 30.14 -4.93 70.98
C THR A 301 29.51 -5.14 72.37
N PRO A 302 28.43 -5.93 72.47
CA PRO A 302 27.72 -6.09 73.77
C PRO A 302 28.57 -6.45 75.00
N GLY A 303 29.55 -7.34 74.83
CA GLY A 303 30.43 -7.74 75.92
C GLY A 303 31.81 -7.12 75.82
N GLU A 304 31.86 -5.87 75.35
CA GLU A 304 33.13 -5.16 75.15
C GLU A 304 33.00 -3.62 75.32
N GLY A 305 31.77 -3.10 75.39
CA GLY A 305 31.56 -1.67 75.50
C GLY A 305 31.64 -0.97 74.16
N ALA A 306 31.17 0.28 74.11
CA ALA A 306 31.17 1.04 72.86
C ALA A 306 32.33 2.05 72.80
N GLU A 307 32.66 2.56 71.59
CA GLU A 307 33.77 3.49 71.44
C GLU A 307 33.59 4.49 70.31
N PHE A 308 34.37 5.58 70.35
CA PHE A 308 34.49 6.56 69.28
C PHE A 308 35.80 6.18 68.55
N TRP A 309 35.90 6.49 67.26
CA TRP A 309 37.14 6.25 66.53
C TRP A 309 37.36 7.32 65.50
N ILE A 310 38.63 7.62 65.24
CA ILE A 310 39.01 8.55 64.19
C ILE A 310 40.11 7.91 63.37
N SER A 311 40.03 8.10 62.06
CA SER A 311 41.04 7.58 61.14
C SER A 311 41.57 8.77 60.38
N LEU A 312 42.89 8.99 60.37
CA LEU A 312 43.46 10.13 59.67
C LEU A 312 44.88 9.90 59.18
N SER A 313 45.26 10.58 58.09
CA SER A 313 46.61 10.47 57.57
C SER A 313 47.33 11.78 57.80
N LEU A 314 48.52 11.71 58.37
CA LEU A 314 49.32 12.89 58.67
C LEU A 314 50.77 12.66 58.23
N PRO A 315 51.44 13.70 57.71
CA PRO A 315 52.86 13.54 57.35
C PRO A 315 53.75 13.42 58.60
N LYS A 316 54.98 12.92 58.40
CA LYS A 316 55.92 12.76 59.50
C LYS A 316 56.92 13.92 59.55
N SER A 317 57.44 14.24 60.76
CA SER A 317 58.38 15.32 60.99
C SER A 317 59.73 15.08 60.29
N SER B 26 9.38 5.14 23.04
CA SER B 26 8.05 5.71 23.20
C SER B 26 6.97 4.76 22.66
N ASN B 27 5.73 4.91 23.13
CA ASN B 27 4.61 4.08 22.70
C ASN B 27 4.30 4.19 21.21
N GLU B 28 4.57 5.36 20.58
CA GLU B 28 4.30 5.54 19.15
C GLU B 28 5.46 5.09 18.25
N LEU B 29 6.68 4.95 18.80
CA LEU B 29 7.84 4.52 18.01
C LEU B 29 7.78 3.03 17.66
N ASP B 30 7.27 2.20 18.58
CA ASP B 30 7.13 0.77 18.31
C ASP B 30 5.95 0.46 17.36
N GLU B 31 5.00 1.40 17.19
CA GLU B 31 3.85 1.27 16.30
C GLU B 31 4.30 1.46 14.84
N LEU B 32 5.29 2.33 14.58
CA LEU B 32 5.83 2.57 13.24
C LEU B 32 6.74 1.39 12.82
N ALA B 33 7.47 0.79 13.77
CA ALA B 33 8.36 -0.35 13.51
C ALA B 33 7.58 -1.64 13.24
N SER B 34 6.40 -1.78 13.87
CA SER B 34 5.54 -2.96 13.68
C SER B 34 4.46 -2.76 12.60
N GLY B 35 4.16 -1.50 12.27
CA GLY B 35 3.18 -1.15 11.24
C GLY B 35 3.71 -1.42 9.86
N ILE B 36 5.02 -1.21 9.64
CA ILE B 36 5.67 -1.48 8.37
C ILE B 36 5.78 -3.00 8.11
N ASN B 37 5.91 -3.81 9.18
CA ASN B 37 5.97 -5.26 9.07
C ASN B 37 4.57 -5.84 8.78
N ARG B 38 3.52 -5.21 9.33
CA ARG B 38 2.14 -5.61 9.11
C ARG B 38 1.68 -5.20 7.71
N MSE B 39 2.17 -4.04 7.21
CA MSE B 39 1.85 -3.55 5.87
C MSE B 39 2.51 -4.44 4.81
O MSE B 39 1.86 -4.78 3.83
CB MSE B 39 2.30 -2.09 5.71
CG MSE B 39 2.05 -1.50 4.32
SE MSE B 39 2.90 0.26 4.07
CE MSE B 39 3.92 -0.10 2.45
N ALA B 40 3.77 -4.85 5.03
CA ALA B 40 4.49 -5.72 4.10
C ALA B 40 3.97 -7.16 4.10
N GLU B 41 3.32 -7.60 5.19
CA GLU B 41 2.76 -8.95 5.29
C GLU B 41 1.48 -9.05 4.42
N THR B 42 0.70 -7.96 4.34
CA THR B 42 -0.51 -7.93 3.51
C THR B 42 -0.17 -7.81 2.02
N LEU B 43 1.02 -7.26 1.67
CA LEU B 43 1.46 -7.14 0.28
C LEU B 43 1.93 -8.49 -0.25
N GLN B 44 2.55 -9.33 0.60
CA GLN B 44 2.99 -10.67 0.20
C GLN B 44 1.79 -11.61 -0.01
N SER B 45 0.70 -11.40 0.75
CA SER B 45 -0.53 -12.17 0.63
C SER B 45 -1.34 -11.72 -0.60
N ALA B 46 -1.34 -10.41 -0.89
CA ALA B 46 -2.04 -9.87 -2.06
C ALA B 46 -1.28 -10.19 -3.34
N GLN B 47 0.07 -10.27 -3.28
CA GLN B 47 0.90 -10.63 -4.45
C GLN B 47 0.73 -12.11 -4.81
N GLU B 48 0.37 -12.98 -3.85
CA GLU B 48 0.13 -14.39 -4.13
C GLU B 48 -1.20 -14.53 -4.91
N GLU B 49 -2.22 -13.72 -4.54
CA GLU B 49 -3.51 -13.68 -5.20
C GLU B 49 -3.38 -13.04 -6.59
N MSE B 50 -2.55 -11.98 -6.69
CA MSE B 50 -2.31 -11.29 -7.96
C MSE B 50 -1.38 -12.06 -8.90
O MSE B 50 -1.41 -11.82 -10.10
CB MSE B 50 -1.83 -9.84 -7.73
CG MSE B 50 -2.66 -8.80 -8.48
SE MSE B 50 -3.35 -7.27 -7.46
CE MSE B 50 -2.11 -7.28 -5.94
N GLN B 51 -0.57 -13.00 -8.37
CA GLN B 51 0.28 -13.87 -9.20
C GLN B 51 -0.59 -14.96 -9.85
N HIS B 52 -1.66 -15.41 -9.17
CA HIS B 52 -2.63 -16.37 -9.69
C HIS B 52 -3.41 -15.76 -10.88
N ASN B 53 -3.66 -14.44 -10.84
CA ASN B 53 -4.34 -13.71 -11.91
C ASN B 53 -3.41 -13.55 -13.13
N ILE B 54 -2.10 -13.38 -12.90
CA ILE B 54 -1.10 -13.26 -13.96
C ILE B 54 -0.85 -14.63 -14.62
N ASP B 55 -0.88 -15.71 -13.83
CA ASP B 55 -0.73 -17.08 -14.34
C ASP B 55 -1.97 -17.53 -15.14
N GLN B 56 -3.15 -16.95 -14.83
CA GLN B 56 -4.39 -17.26 -15.54
C GLN B 56 -4.52 -16.39 -16.80
N ALA B 57 -3.93 -15.17 -16.81
CA ALA B 57 -3.96 -14.29 -17.99
C ALA B 57 -3.03 -14.80 -19.08
N THR B 58 -1.94 -15.51 -18.73
CA THR B 58 -1.03 -16.10 -19.72
C THR B 58 -1.66 -17.34 -20.40
N GLU B 59 -2.66 -17.98 -19.76
CA GLU B 59 -3.36 -19.14 -20.31
C GLU B 59 -4.58 -18.68 -21.10
N ASP B 60 -5.32 -17.68 -20.59
CA ASP B 60 -6.51 -17.14 -21.25
C ASP B 60 -6.18 -16.39 -22.55
N VAL B 61 -5.01 -15.74 -22.59
CA VAL B 61 -4.57 -15.04 -23.80
C VAL B 61 -4.04 -16.06 -24.83
N ARG B 62 -3.37 -17.13 -24.35
CA ARG B 62 -2.86 -18.20 -25.20
C ARG B 62 -3.99 -18.95 -25.89
N GLN B 63 -5.09 -19.21 -25.17
CA GLN B 63 -6.29 -19.88 -25.72
C GLN B 63 -6.97 -19.01 -26.78
N ASN B 64 -6.95 -17.67 -26.60
CA ASN B 64 -7.53 -16.73 -27.54
C ASN B 64 -6.71 -16.65 -28.83
N LEU B 65 -5.38 -16.48 -28.73
CA LEU B 65 -4.52 -16.46 -29.94
C LEU B 65 -4.40 -17.85 -30.62
N GLU B 66 -4.82 -18.92 -29.93
CA GLU B 66 -4.84 -20.27 -30.47
C GLU B 66 -6.11 -20.41 -31.32
N THR B 67 -7.26 -19.94 -30.80
CA THR B 67 -8.52 -20.00 -31.53
C THR B 67 -8.56 -19.00 -32.69
N ILE B 68 -7.86 -17.84 -32.59
CA ILE B 68 -7.82 -16.89 -33.73
C ILE B 68 -7.04 -17.48 -34.91
N GLU B 69 -6.01 -18.28 -34.62
CA GLU B 69 -5.22 -18.92 -35.68
C GLU B 69 -5.84 -20.24 -36.15
N ILE B 70 -6.60 -20.92 -35.30
CA ILE B 70 -7.31 -22.15 -35.67
C ILE B 70 -8.48 -21.76 -36.59
N GLN B 71 -9.24 -20.72 -36.21
CA GLN B 71 -10.35 -20.23 -37.03
C GLN B 71 -9.85 -19.56 -38.31
N ASN B 72 -8.66 -18.93 -38.27
CA ASN B 72 -8.07 -18.30 -39.46
C ASN B 72 -7.65 -19.34 -40.50
N ILE B 73 -7.23 -20.53 -40.05
CA ILE B 73 -6.83 -21.59 -40.97
C ILE B 73 -8.06 -22.32 -41.55
N GLU B 74 -9.19 -22.36 -40.81
CA GLU B 74 -10.45 -22.95 -41.29
C GLU B 74 -11.09 -22.05 -42.35
N LEU B 75 -10.92 -20.72 -42.23
CA LEU B 75 -11.42 -19.76 -43.21
C LEU B 75 -10.62 -19.86 -44.52
N ASP B 76 -9.33 -20.19 -44.44
CA ASP B 76 -8.49 -20.40 -45.63
C ASP B 76 -8.83 -21.74 -46.31
N LEU B 77 -9.22 -22.75 -45.52
CA LEU B 77 -9.60 -24.07 -45.98
C LEU B 77 -10.95 -24.03 -46.67
N ALA B 78 -11.95 -23.37 -46.07
CA ALA B 78 -13.29 -23.26 -46.66
C ALA B 78 -13.27 -22.42 -47.94
N ARG B 79 -12.38 -21.43 -48.01
CA ARG B 79 -12.21 -20.57 -49.18
C ARG B 79 -11.58 -21.36 -50.33
N LYS B 80 -10.63 -22.25 -50.03
CA LYS B 80 -9.96 -23.09 -51.01
C LYS B 80 -10.90 -24.22 -51.51
N GLU B 81 -11.76 -24.73 -50.61
CA GLU B 81 -12.72 -25.79 -50.93
C GLU B 81 -13.85 -25.27 -51.82
N ALA B 82 -14.25 -24.02 -51.64
CA ALA B 82 -15.30 -23.42 -52.47
C ALA B 82 -14.78 -23.14 -53.86
N LEU B 83 -13.51 -22.76 -54.00
CA LEU B 83 -12.89 -22.52 -55.29
C LEU B 83 -12.69 -23.83 -56.06
N GLU B 84 -12.45 -24.94 -55.36
CA GLU B 84 -12.28 -26.24 -55.99
C GLU B 84 -13.66 -26.84 -56.39
N ALA B 85 -14.69 -26.60 -55.57
CA ALA B 85 -16.04 -27.09 -55.89
C ALA B 85 -16.61 -26.38 -57.14
N SER B 86 -16.24 -25.13 -57.33
CA SER B 86 -16.66 -24.33 -58.45
C SER B 86 -15.89 -24.70 -59.71
N ARG B 87 -14.61 -25.06 -59.58
CA ARG B 87 -13.79 -25.49 -60.70
C ARG B 87 -14.28 -26.84 -61.19
N ILE B 88 -14.63 -27.74 -60.27
CA ILE B 88 -15.11 -29.07 -60.62
C ILE B 88 -16.52 -29.00 -61.25
N LYS B 89 -17.40 -28.12 -60.75
CA LYS B 89 -18.75 -27.95 -61.28
C LYS B 89 -18.68 -27.49 -62.74
N SER B 90 -17.78 -26.55 -63.03
CA SER B 90 -17.56 -25.97 -64.35
C SER B 90 -17.01 -27.01 -65.33
N GLU B 91 -16.06 -27.83 -64.88
CA GLU B 91 -15.46 -28.87 -65.71
C GLU B 91 -16.46 -29.95 -66.00
N PHE B 92 -17.30 -30.30 -65.03
CA PHE B 92 -18.32 -31.32 -65.14
C PHE B 92 -19.34 -30.94 -66.20
N LEU B 93 -19.79 -29.69 -66.19
CA LEU B 93 -20.78 -29.19 -67.14
C LEU B 93 -20.23 -29.15 -68.54
N ALA B 94 -18.96 -28.74 -68.71
CA ALA B 94 -18.33 -28.69 -70.03
C ALA B 94 -18.19 -30.11 -70.59
N ASN B 95 -17.83 -31.08 -69.76
CA ASN B 95 -17.68 -32.47 -70.15
C ASN B 95 -19.02 -33.12 -70.46
N MSE B 96 -20.07 -32.73 -69.76
CA MSE B 96 -21.43 -33.20 -69.96
C MSE B 96 -21.92 -32.71 -71.31
O MSE B 96 -22.52 -33.47 -72.07
CB MSE B 96 -22.31 -32.67 -68.83
CG MSE B 96 -23.78 -32.91 -69.01
SE MSE B 96 -24.88 -31.81 -67.75
CE MSE B 96 -26.57 -31.80 -68.66
N SER B 97 -21.65 -31.45 -71.64
CA SER B 97 -22.00 -30.83 -72.90
C SER B 97 -21.30 -31.59 -74.08
N HIS B 98 -19.99 -31.86 -73.96
N HIS B 98 -20.00 -31.87 -73.95
CA HIS B 98 -19.24 -32.56 -74.99
CA HIS B 98 -19.21 -32.58 -74.95
C HIS B 98 -19.74 -34.00 -75.16
C HIS B 98 -19.70 -34.01 -75.14
N GLU B 99 -20.08 -34.67 -74.05
CA GLU B 99 -20.54 -36.05 -74.07
C GLU B 99 -21.84 -36.19 -74.82
N ILE B 100 -22.75 -35.22 -74.69
CA ILE B 100 -24.04 -35.20 -75.37
C ILE B 100 -23.88 -34.78 -76.82
N ARG B 101 -22.99 -33.84 -77.12
CA ARG B 101 -22.73 -33.33 -78.46
C ARG B 101 -22.33 -34.41 -79.47
N THR B 102 -21.54 -35.41 -79.03
CA THR B 102 -21.11 -36.47 -79.95
C THR B 102 -22.31 -37.25 -80.52
N PRO B 103 -23.13 -37.95 -79.70
CA PRO B 103 -24.31 -38.63 -80.26
C PRO B 103 -25.32 -37.67 -80.90
N LEU B 104 -25.45 -36.43 -80.41
CA LEU B 104 -26.40 -35.47 -80.97
C LEU B 104 -26.03 -35.12 -82.40
N ASN B 105 -24.75 -34.99 -82.69
CA ASN B 105 -24.27 -34.69 -84.04
C ASN B 105 -24.55 -35.83 -85.03
N GLY B 106 -24.57 -37.06 -84.53
CA GLY B 106 -24.92 -38.24 -85.30
C GLY B 106 -26.41 -38.23 -85.61
N ILE B 107 -27.25 -37.85 -84.66
CA ILE B 107 -28.69 -37.74 -84.89
C ILE B 107 -28.94 -36.65 -85.93
N LEU B 108 -28.27 -35.49 -85.81
CA LEU B 108 -28.46 -34.39 -86.76
C LEU B 108 -28.01 -34.78 -88.16
N GLY B 109 -26.88 -35.46 -88.23
CA GLY B 109 -26.32 -35.90 -89.51
C GLY B 109 -27.17 -36.89 -90.23
N PHE B 110 -27.61 -37.97 -89.56
CA PHE B 110 -28.48 -38.99 -90.15
C PHE B 110 -29.90 -38.49 -90.41
N THR B 111 -30.37 -37.47 -89.69
CA THR B 111 -31.69 -36.91 -89.95
C THR B 111 -31.64 -36.16 -91.29
N ASN B 112 -30.56 -35.43 -91.57
CA ASN B 112 -30.37 -34.72 -92.84
C ASN B 112 -30.30 -35.68 -94.00
N LEU B 113 -29.59 -36.81 -93.81
CA LEU B 113 -29.42 -37.86 -94.82
C LEU B 113 -30.78 -38.47 -95.14
N LEU B 114 -31.63 -38.69 -94.14
CA LEU B 114 -32.98 -39.23 -94.33
C LEU B 114 -33.88 -38.21 -95.01
N GLN B 115 -33.73 -36.92 -94.67
CA GLN B 115 -34.49 -35.84 -95.28
C GLN B 115 -34.21 -35.70 -96.77
N LYS B 116 -33.00 -36.10 -97.23
CA LYS B 116 -32.65 -36.09 -98.65
C LYS B 116 -33.03 -37.42 -99.36
N SER B 117 -33.91 -38.23 -98.77
CA SER B 117 -34.32 -39.49 -99.37
C SER B 117 -35.82 -39.48 -99.71
N GLU B 118 -36.27 -40.48 -100.45
CA GLU B 118 -37.66 -40.58 -100.90
C GLU B 118 -38.56 -40.98 -99.76
N LEU B 119 -39.36 -40.02 -99.26
CA LEU B 119 -40.28 -40.26 -98.15
C LEU B 119 -41.65 -39.66 -98.41
N SER B 120 -42.68 -40.21 -97.77
CA SER B 120 -44.03 -39.69 -97.91
C SER B 120 -44.18 -38.37 -97.11
N PRO B 121 -45.22 -37.54 -97.36
CA PRO B 121 -45.39 -36.32 -96.57
C PRO B 121 -45.51 -36.58 -95.09
N ARG B 122 -46.13 -37.70 -94.66
CA ARG B 122 -46.24 -38.04 -93.24
C ARG B 122 -44.87 -38.39 -92.68
N GLN B 123 -44.07 -39.17 -93.41
CA GLN B 123 -42.72 -39.52 -93.00
C GLN B 123 -41.83 -38.29 -92.87
N GLN B 124 -42.02 -37.31 -93.76
CA GLN B 124 -41.26 -36.06 -93.69
C GLN B 124 -41.64 -35.20 -92.49
N ASP B 125 -42.89 -35.28 -92.04
CA ASP B 125 -43.36 -34.53 -90.87
CA ASP B 125 -43.32 -34.50 -90.87
C ASP B 125 -42.71 -35.07 -89.60
N TYR B 126 -42.56 -36.40 -89.53
CA TYR B 126 -41.93 -37.05 -88.38
C TYR B 126 -40.45 -36.62 -88.33
N LEU B 127 -39.76 -36.55 -89.48
CA LEU B 127 -38.36 -36.12 -89.51
C LEU B 127 -38.20 -34.68 -89.14
N THR B 128 -39.10 -33.82 -89.61
CA THR B 128 -39.06 -32.40 -89.25
C THR B 128 -39.17 -32.20 -87.74
N THR B 129 -39.96 -33.07 -87.06
CA THR B 129 -40.12 -33.05 -85.62
C THR B 129 -38.85 -33.55 -84.93
N ILE B 130 -38.22 -34.63 -85.43
CA ILE B 130 -36.96 -35.13 -84.87
C ILE B 130 -35.88 -34.06 -85.04
N GLN B 131 -35.88 -33.35 -86.17
CA GLN B 131 -34.91 -32.29 -86.47
C GLN B 131 -35.06 -31.12 -85.53
N LYS B 132 -36.29 -30.66 -85.32
CA LYS B 132 -36.55 -29.53 -84.42
C LYS B 132 -36.23 -29.88 -82.98
N SER B 133 -36.49 -31.13 -82.57
CA SER B 133 -36.18 -31.60 -81.24
C SER B 133 -34.67 -31.65 -81.06
N ALA B 134 -33.94 -32.14 -82.06
CA ALA B 134 -32.49 -32.23 -81.98
C ALA B 134 -31.84 -30.83 -82.00
N GLU B 135 -32.43 -29.88 -82.73
CA GLU B 135 -31.93 -28.51 -82.78
C GLU B 135 -32.15 -27.78 -81.45
N SER B 136 -33.25 -28.08 -80.75
CA SER B 136 -33.47 -27.48 -79.44
C SER B 136 -32.50 -28.09 -78.43
N LEU B 137 -32.26 -29.39 -78.51
CA LEU B 137 -31.31 -30.09 -77.67
C LEU B 137 -29.91 -29.50 -77.87
N LEU B 138 -29.56 -29.13 -79.10
CA LEU B 138 -28.29 -28.48 -79.42
C LEU B 138 -28.19 -27.10 -78.75
N GLY B 139 -29.29 -26.36 -78.76
CA GLY B 139 -29.32 -25.05 -78.11
C GLY B 139 -29.11 -25.14 -76.62
N ILE B 140 -29.64 -26.20 -75.99
CA ILE B 140 -29.50 -26.44 -74.56
C ILE B 140 -28.05 -26.73 -74.21
N ILE B 141 -27.39 -27.67 -74.92
CA ILE B 141 -26.00 -28.00 -74.60
C ILE B 141 -25.04 -26.85 -74.96
N ASN B 142 -25.46 -25.90 -75.81
CA ASN B 142 -24.64 -24.70 -76.08
C ASN B 142 -24.75 -23.73 -74.87
N GLU B 143 -25.93 -23.67 -74.20
CA GLU B 143 -26.12 -22.87 -73.00
C GLU B 143 -25.36 -23.48 -71.83
N ILE B 144 -25.31 -24.83 -71.74
CA ILE B 144 -24.56 -25.51 -70.69
C ILE B 144 -23.07 -25.18 -70.84
N LEU B 145 -22.56 -25.13 -72.07
CA LEU B 145 -21.17 -24.79 -72.33
C LEU B 145 -20.91 -23.31 -71.97
N ASP B 146 -21.86 -22.41 -72.31
CA ASP B 146 -21.79 -20.98 -71.96
C ASP B 146 -21.71 -20.80 -70.43
N PHE B 147 -22.57 -21.50 -69.71
CA PHE B 147 -22.65 -21.43 -68.27
C PHE B 147 -21.41 -21.99 -67.61
N SER B 148 -20.79 -23.03 -68.19
CA SER B 148 -19.57 -23.57 -67.64
C SER B 148 -18.40 -22.58 -67.77
N LYS B 149 -18.42 -21.69 -68.79
CA LYS B 149 -17.40 -20.65 -68.98
C LYS B 149 -17.60 -19.52 -67.98
N ILE B 150 -18.87 -19.16 -67.73
CA ILE B 150 -19.23 -18.14 -66.74
C ILE B 150 -18.87 -18.62 -65.34
N GLU B 151 -19.18 -19.88 -65.04
CA GLU B 151 -18.87 -20.52 -63.77
C GLU B 151 -17.37 -20.55 -63.50
N ALA B 152 -16.56 -20.70 -64.56
CA ALA B 152 -15.10 -20.73 -64.40
C ALA B 152 -14.45 -19.34 -64.40
N GLY B 153 -15.24 -18.30 -64.64
CA GLY B 153 -14.71 -16.96 -64.75
C GLY B 153 -13.95 -16.73 -66.04
N LYS B 154 -14.09 -17.64 -67.02
CA LYS B 154 -13.42 -17.53 -68.30
C LYS B 154 -14.27 -16.87 -69.36
N LEU B 155 -15.28 -16.08 -68.97
CA LEU B 155 -16.11 -15.37 -69.93
C LEU B 155 -15.63 -13.93 -70.06
N VAL B 156 -15.08 -13.57 -71.21
CA VAL B 156 -14.59 -12.21 -71.43
C VAL B 156 -15.61 -11.42 -72.23
N LEU B 157 -16.04 -10.26 -71.71
CA LEU B 157 -17.04 -9.45 -72.39
C LEU B 157 -16.43 -8.62 -73.52
N GLU B 158 -17.08 -8.61 -74.70
CA GLU B 158 -16.64 -7.79 -75.82
C GLU B 158 -16.76 -6.28 -75.51
N ASN B 159 -16.12 -5.43 -76.31
CA ASN B 159 -16.13 -3.98 -76.11
C ASN B 159 -16.41 -3.34 -77.45
N LEU B 160 -17.69 -3.27 -77.80
CA LEU B 160 -18.10 -2.74 -79.07
C LEU B 160 -19.12 -1.65 -78.88
N PRO B 161 -19.03 -0.55 -79.65
CA PRO B 161 -20.09 0.45 -79.62
C PRO B 161 -21.37 -0.13 -80.21
N PHE B 162 -22.53 0.25 -79.67
CA PHE B 162 -23.80 -0.23 -80.20
C PHE B 162 -24.93 0.77 -80.06
N ASN B 163 -26.02 0.55 -80.80
CA ASN B 163 -27.21 1.41 -80.68
C ASN B 163 -28.22 0.63 -79.85
N LEU B 164 -28.56 1.10 -78.65
CA LEU B 164 -29.50 0.43 -77.77
C LEU B 164 -30.89 0.31 -78.37
N ARG B 165 -31.37 1.30 -79.15
CA ARG B 165 -32.68 1.21 -79.77
C ARG B 165 -32.68 0.09 -80.80
N ASP B 166 -31.64 0.01 -81.62
CA ASP B 166 -31.50 -1.03 -82.65
C ASP B 166 -31.40 -2.38 -82.01
N LEU B 167 -30.67 -2.51 -80.90
CA LEU B 167 -30.48 -3.76 -80.18
C LEU B 167 -31.80 -4.33 -79.69
N ILE B 168 -32.65 -3.51 -79.04
CA ILE B 168 -33.93 -3.96 -78.53
C ILE B 168 -34.86 -4.30 -79.68
N GLN B 169 -34.84 -3.52 -80.77
CA GLN B 169 -35.69 -3.78 -81.92
C GLN B 169 -35.33 -5.08 -82.62
N ASP B 170 -34.02 -5.40 -82.68
CA ASP B 170 -33.55 -6.63 -83.30
C ASP B 170 -33.91 -7.85 -82.47
N ALA B 171 -33.86 -7.72 -81.13
CA ALA B 171 -34.22 -8.81 -80.20
C ALA B 171 -35.72 -9.11 -80.27
N LEU B 172 -36.53 -8.06 -80.47
CA LEU B 172 -37.97 -8.20 -80.58
C LEU B 172 -38.40 -8.75 -81.94
N THR B 173 -37.65 -8.46 -83.01
CA THR B 173 -37.92 -9.00 -84.34
C THR B 173 -37.70 -10.53 -84.36
N MSE B 174 -36.67 -10.98 -83.65
N MSE B 174 -36.66 -11.00 -83.68
CA MSE B 174 -36.27 -12.37 -83.48
CA MSE B 174 -36.34 -12.41 -83.61
C MSE B 174 -37.37 -13.18 -82.74
C MSE B 174 -37.36 -13.20 -82.73
O MSE B 174 -37.53 -14.36 -82.99
O MSE B 174 -37.52 -14.41 -82.91
CB MSE B 174 -34.99 -12.39 -82.62
CB MSE B 174 -34.88 -12.61 -83.16
CG MSE B 174 -34.04 -13.52 -82.94
CG MSE B 174 -33.89 -13.03 -84.28
SE MSE B 174 -33.20 -14.22 -81.30
SE MSE B 174 -34.16 -12.33 -86.14
CE MSE B 174 -34.60 -15.49 -80.79
CE MSE B 174 -33.99 -14.04 -87.10
N LEU B 175 -38.08 -12.52 -81.81
CA LEU B 175 -39.12 -13.15 -81.00
C LEU B 175 -40.55 -12.89 -81.46
N ALA B 176 -40.73 -12.15 -82.58
CA ALA B 176 -42.05 -11.88 -83.14
C ALA B 176 -42.81 -13.14 -83.59
N PRO B 177 -42.16 -14.18 -84.19
CA PRO B 177 -42.93 -15.40 -84.52
C PRO B 177 -43.54 -16.07 -83.29
N ALA B 178 -42.75 -16.22 -82.21
CA ALA B 178 -43.20 -16.83 -80.95
C ALA B 178 -44.30 -16.03 -80.27
N ALA B 179 -44.23 -14.69 -80.34
CA ALA B 179 -45.22 -13.81 -79.75
C ALA B 179 -46.52 -13.87 -80.57
N HIS B 180 -46.42 -13.87 -81.92
CA HIS B 180 -47.58 -13.94 -82.80
C HIS B 180 -48.26 -15.33 -82.77
N GLU B 181 -47.51 -16.38 -82.39
CA GLU B 181 -48.03 -17.73 -82.23
C GLU B 181 -49.05 -17.76 -81.08
N LYS B 182 -48.79 -17.03 -79.97
CA LYS B 182 -49.69 -16.94 -78.82
C LYS B 182 -50.67 -15.76 -78.84
N GLN B 183 -50.78 -15.07 -79.99
CA GLN B 183 -51.66 -13.92 -80.19
C GLN B 183 -51.27 -12.69 -79.36
N LEU B 184 -49.96 -12.49 -79.17
CA LEU B 184 -49.44 -11.37 -78.39
C LEU B 184 -48.78 -10.33 -79.31
N GLU B 185 -48.67 -9.09 -78.83
CA GLU B 185 -47.99 -8.04 -79.55
C GLU B 185 -46.66 -7.73 -78.86
N LEU B 186 -45.63 -7.40 -79.63
CA LEU B 186 -44.33 -7.05 -79.07
C LEU B 186 -44.10 -5.59 -79.29
N VAL B 187 -43.97 -4.85 -78.21
CA VAL B 187 -43.83 -3.40 -78.27
C VAL B 187 -42.52 -2.97 -77.64
N SER B 188 -41.92 -1.93 -78.21
CA SER B 188 -40.64 -1.37 -77.77
C SER B 188 -40.78 0.13 -77.53
N LEU B 189 -40.18 0.64 -76.47
CA LEU B 189 -40.25 2.05 -76.15
C LEU B 189 -38.97 2.59 -75.57
N VAL B 190 -38.20 3.29 -76.38
CA VAL B 190 -36.98 3.91 -75.93
C VAL B 190 -37.30 5.41 -75.90
N TYR B 191 -37.26 6.01 -74.70
CA TYR B 191 -37.61 7.42 -74.54
C TYR B 191 -36.62 8.39 -75.21
N ARG B 192 -37.04 9.65 -75.42
CA ARG B 192 -36.20 10.65 -76.05
C ARG B 192 -34.94 10.94 -75.25
N ASP B 193 -35.04 10.96 -73.92
CA ASP B 193 -33.90 11.25 -73.06
C ASP B 193 -33.00 10.03 -72.78
N THR B 194 -33.32 8.85 -73.35
CA THR B 194 -32.52 7.66 -73.13
C THR B 194 -31.29 7.66 -74.04
N PRO B 195 -30.09 7.62 -73.44
CA PRO B 195 -28.87 7.58 -74.24
C PRO B 195 -28.75 6.22 -74.95
N ILE B 196 -28.84 6.20 -76.29
CA ILE B 196 -28.77 4.94 -77.04
C ILE B 196 -27.39 4.60 -77.57
N GLN B 197 -26.49 5.57 -77.70
CA GLN B 197 -25.15 5.31 -78.23
C GLN B 197 -24.21 4.87 -77.10
N LEU B 198 -24.17 3.56 -76.83
CA LEU B 198 -23.42 3.01 -75.71
C LEU B 198 -22.27 2.09 -76.16
N GLN B 199 -21.53 1.50 -75.22
CA GLN B 199 -20.41 0.61 -75.56
C GLN B 199 -20.35 -0.57 -74.56
N GLY B 200 -20.24 -1.79 -75.06
CA GLY B 200 -20.18 -2.97 -74.22
C GLY B 200 -20.30 -4.27 -75.00
N ASP B 201 -21.08 -5.24 -74.51
CA ASP B 201 -21.27 -6.50 -75.22
C ASP B 201 -22.67 -6.56 -75.76
N PRO B 202 -22.89 -6.13 -77.02
CA PRO B 202 -24.25 -6.13 -77.57
C PRO B 202 -24.83 -7.52 -77.77
N GLN B 203 -24.02 -8.56 -77.95
CA GLN B 203 -24.52 -9.92 -78.13
C GLN B 203 -24.96 -10.54 -76.82
N ARG B 204 -24.23 -10.25 -75.73
CA ARG B 204 -24.60 -10.76 -74.41
C ARG B 204 -25.79 -9.98 -73.82
N LEU B 205 -25.91 -8.71 -74.12
CA LEU B 205 -27.04 -7.90 -73.66
C LEU B 205 -28.30 -8.36 -74.43
N LYS B 206 -28.16 -8.70 -75.72
CA LYS B 206 -29.24 -9.21 -76.57
C LYS B 206 -29.69 -10.62 -76.11
N GLN B 207 -28.76 -11.42 -75.58
CA GLN B 207 -29.00 -12.77 -75.06
C GLN B 207 -29.87 -12.67 -73.83
N ILE B 208 -29.60 -11.68 -72.93
CA ILE B 208 -30.39 -11.42 -71.73
C ILE B 208 -31.80 -10.99 -72.15
N LEU B 209 -31.91 -10.00 -73.06
CA LEU B 209 -33.18 -9.49 -73.55
C LEU B 209 -34.03 -10.53 -74.22
N THR B 210 -33.48 -11.33 -75.14
CA THR B 210 -34.24 -12.39 -75.81
C THR B 210 -34.74 -13.42 -74.82
N ASN B 211 -33.96 -13.74 -73.79
CA ASN B 211 -34.39 -14.67 -72.76
C ASN B 211 -35.52 -14.09 -71.91
N LEU B 212 -35.39 -12.82 -71.50
CA LEU B 212 -36.41 -12.19 -70.68
C LEU B 212 -37.69 -12.02 -71.45
N VAL B 213 -37.63 -11.56 -72.70
CA VAL B 213 -38.81 -11.37 -73.55
C VAL B 213 -39.43 -12.73 -73.92
N GLY B 214 -38.59 -13.74 -74.17
CA GLY B 214 -39.02 -15.09 -74.47
C GLY B 214 -39.76 -15.73 -73.32
N ASN B 215 -39.31 -15.44 -72.08
CA ASN B 215 -39.95 -15.93 -70.87
C ASN B 215 -41.26 -15.20 -70.64
N ALA B 216 -41.27 -13.88 -70.83
CA ALA B 216 -42.48 -13.07 -70.72
C ALA B 216 -43.58 -13.56 -71.69
N ILE B 217 -43.22 -14.01 -72.91
CA ILE B 217 -44.17 -14.53 -73.90
C ILE B 217 -44.84 -15.81 -73.36
N LYS B 218 -44.06 -16.69 -72.71
CA LYS B 218 -44.60 -17.93 -72.11
C LYS B 218 -45.52 -17.64 -70.92
N PHE B 219 -45.25 -16.60 -70.13
CA PHE B 219 -46.00 -16.30 -68.92
C PHE B 219 -47.40 -15.69 -69.13
N THR B 220 -47.71 -15.20 -70.34
CA THR B 220 -49.02 -14.58 -70.58
C THR B 220 -49.81 -15.24 -71.70
N GLN B 221 -51.15 -15.20 -71.56
CA GLN B 221 -52.07 -15.78 -72.53
C GLN B 221 -52.56 -14.79 -73.60
N GLY B 222 -52.49 -13.51 -73.28
CA GLY B 222 -52.92 -12.46 -74.18
C GLY B 222 -52.37 -11.09 -73.79
N GLY B 223 -52.50 -10.16 -74.72
CA GLY B 223 -52.07 -8.79 -74.51
C GLY B 223 -50.80 -8.45 -75.25
N THR B 224 -50.00 -7.58 -74.63
CA THR B 224 -48.75 -7.11 -75.19
C THR B 224 -47.61 -7.36 -74.20
N VAL B 225 -46.43 -7.67 -74.73
CA VAL B 225 -45.20 -7.73 -73.96
C VAL B 225 -44.53 -6.42 -74.31
N ALA B 226 -44.35 -5.51 -73.34
CA ALA B 226 -43.79 -4.20 -73.61
C ALA B 226 -42.41 -4.01 -73.02
N VAL B 227 -41.45 -3.64 -73.86
CA VAL B 227 -40.08 -3.35 -73.39
C VAL B 227 -39.88 -1.82 -73.30
N ARG B 228 -39.45 -1.29 -72.15
CA ARG B 228 -39.20 0.16 -72.00
C ARG B 228 -37.74 0.36 -71.61
N ALA B 229 -37.04 1.31 -72.25
CA ALA B 229 -35.65 1.59 -71.93
C ALA B 229 -35.63 2.98 -71.33
N MSE B 230 -35.26 3.10 -70.03
CA MSE B 230 -35.29 4.39 -69.34
C MSE B 230 -33.97 4.76 -68.70
O MSE B 230 -33.22 3.89 -68.25
CB MSE B 230 -36.33 4.37 -68.22
CG MSE B 230 -37.67 3.88 -68.65
SE MSE B 230 -38.47 2.91 -67.22
CE MSE B 230 -37.97 1.06 -67.71
N LEU B 231 -33.73 6.08 -68.59
CA LEU B 231 -32.55 6.59 -67.93
C LEU B 231 -32.83 6.69 -66.42
N GLU B 232 -31.86 6.32 -65.60
CA GLU B 232 -32.00 6.41 -64.16
C GLU B 232 -31.09 7.52 -63.62
N ASP B 233 -29.84 7.52 -64.07
CA ASP B 233 -28.80 8.47 -63.69
C ASP B 233 -27.85 8.65 -64.89
N GLU B 234 -27.26 9.84 -65.08
CA GLU B 234 -26.38 10.07 -66.24
C GLU B 234 -25.19 10.98 -65.95
N SER B 235 -24.04 10.63 -66.52
CA SER B 235 -22.80 11.42 -66.43
C SER B 235 -22.23 11.68 -67.84
N ASP B 236 -21.11 12.40 -67.96
CA ASP B 236 -20.52 12.71 -69.28
C ASP B 236 -19.98 11.46 -69.99
N ASP B 237 -19.49 10.47 -69.22
CA ASP B 237 -18.91 9.27 -69.81
CA ASP B 237 -18.89 9.26 -69.75
C ASP B 237 -19.78 8.02 -69.68
N ARG B 238 -20.65 7.90 -68.66
CA ARG B 238 -21.49 6.71 -68.50
C ARG B 238 -23.00 7.02 -68.47
N ALA B 239 -23.85 5.98 -68.53
CA ALA B 239 -25.31 6.09 -68.46
C ALA B 239 -25.86 4.93 -67.64
N GLN B 240 -26.70 5.20 -66.64
CA GLN B 240 -27.32 4.17 -65.80
C GLN B 240 -28.71 3.94 -66.34
N LEU B 241 -29.01 2.72 -66.78
CA LEU B 241 -30.28 2.41 -67.43
C LEU B 241 -31.10 1.37 -66.73
N ARG B 242 -32.42 1.42 -66.94
CA ARG B 242 -33.35 0.43 -66.48
C ARG B 242 -34.14 -0.05 -67.70
N ILE B 243 -34.20 -1.36 -67.94
CA ILE B 243 -34.97 -1.91 -69.03
C ILE B 243 -35.98 -2.84 -68.41
N SER B 244 -37.28 -2.62 -68.68
CA SER B 244 -38.31 -3.48 -68.16
C SER B 244 -39.03 -4.28 -69.27
N VAL B 245 -39.29 -5.56 -69.04
CA VAL B 245 -40.04 -6.42 -69.98
C VAL B 245 -41.33 -6.77 -69.25
N GLN B 246 -42.41 -6.06 -69.53
CA GLN B 246 -43.66 -6.21 -68.82
C GLN B 246 -44.78 -6.86 -69.61
N ASP B 247 -45.52 -7.77 -69.00
CA ASP B 247 -46.71 -8.34 -69.59
C ASP B 247 -47.83 -7.50 -69.01
N THR B 248 -48.34 -6.52 -69.76
CA THR B 248 -49.36 -5.58 -69.25
C THR B 248 -50.69 -6.27 -68.93
N GLY B 249 -50.99 -7.35 -69.65
CA GLY B 249 -52.18 -8.16 -69.43
C GLY B 249 -53.52 -7.51 -69.69
N ILE B 250 -53.63 -6.69 -70.74
CA ILE B 250 -54.90 -6.03 -71.05
C ILE B 250 -55.86 -7.05 -71.67
N GLY B 251 -57.04 -7.15 -71.09
CA GLY B 251 -58.10 -8.05 -71.51
C GLY B 251 -58.00 -9.43 -70.92
N LEU B 252 -57.06 -9.66 -69.99
CA LEU B 252 -56.88 -10.98 -69.37
C LEU B 252 -57.98 -11.23 -68.37
N SER B 253 -58.55 -12.45 -68.40
CA SER B 253 -59.58 -12.82 -67.42
C SER B 253 -58.93 -13.00 -66.03
N GLU B 254 -59.74 -13.12 -64.95
CA GLU B 254 -59.21 -13.30 -63.60
C GLU B 254 -58.33 -14.55 -63.49
N GLU B 255 -58.68 -15.63 -64.22
CA GLU B 255 -57.93 -16.88 -64.23
C GLU B 255 -56.58 -16.70 -64.89
N ASP B 256 -56.52 -15.98 -66.03
CA ASP B 256 -55.30 -15.69 -66.75
C ASP B 256 -54.42 -14.67 -66.01
N GLN B 257 -55.03 -13.77 -65.21
CA GLN B 257 -54.30 -12.80 -64.41
C GLN B 257 -53.60 -13.52 -63.25
N GLN B 258 -54.27 -14.52 -62.64
CA GLN B 258 -53.70 -15.31 -61.55
C GLN B 258 -52.55 -16.15 -62.10
N ALA B 259 -52.72 -16.73 -63.29
CA ALA B 259 -51.70 -17.54 -63.95
C ALA B 259 -50.46 -16.73 -64.33
N LEU B 260 -50.65 -15.45 -64.70
CA LEU B 260 -49.56 -14.54 -65.07
C LEU B 260 -48.70 -14.20 -63.85
N PHE B 261 -49.34 -13.80 -62.73
CA PHE B 261 -48.62 -13.43 -61.52
CA PHE B 261 -48.69 -13.44 -61.46
C PHE B 261 -47.92 -14.65 -60.90
N LYS B 262 -48.51 -15.84 -61.03
CA LYS B 262 -47.94 -17.09 -60.52
C LYS B 262 -46.68 -17.44 -61.31
N ALA B 263 -46.72 -17.27 -62.65
CA ALA B 263 -45.59 -17.54 -63.53
C ALA B 263 -44.43 -16.62 -63.24
N PHE B 264 -44.71 -15.33 -63.01
CA PHE B 264 -43.67 -14.34 -62.70
C PHE B 264 -43.10 -14.49 -61.31
N SER B 265 -43.92 -14.95 -60.35
CA SER B 265 -43.43 -15.18 -58.99
C SER B 265 -42.54 -16.44 -58.95
N GLN B 266 -42.80 -17.43 -59.83
CA GLN B 266 -42.00 -18.64 -59.96
C GLN B 266 -40.63 -18.28 -60.55
N ALA B 267 -40.60 -17.33 -61.52
CA ALA B 267 -39.39 -16.80 -62.15
C ALA B 267 -38.58 -15.97 -61.16
N ASP B 268 -39.25 -15.26 -60.26
CA ASP B 268 -38.60 -14.47 -59.20
C ASP B 268 -37.96 -15.38 -58.16
N ASN B 269 -38.57 -16.54 -57.90
CA ASN B 269 -38.04 -17.50 -56.95
CA ASN B 269 -38.05 -17.54 -56.97
C ASN B 269 -36.81 -18.16 -57.56
N SER B 270 -36.87 -18.53 -58.86
CA SER B 270 -35.76 -19.13 -59.60
C SER B 270 -34.59 -18.19 -59.78
N LEU B 271 -34.83 -16.89 -59.76
CA LEU B 271 -33.79 -15.87 -59.87
C LEU B 271 -32.96 -15.85 -58.58
N SER B 272 -33.62 -16.00 -57.42
CA SER B 272 -32.95 -16.01 -56.13
C SER B 272 -32.27 -17.36 -55.86
N ARG B 273 -32.98 -18.46 -56.18
CA ARG B 273 -32.53 -19.83 -55.97
C ARG B 273 -31.40 -20.23 -56.91
N GLN B 274 -31.48 -19.82 -58.19
CA GLN B 274 -30.49 -20.09 -59.21
C GLN B 274 -30.24 -21.57 -59.47
N ALA B 275 -31.33 -22.37 -59.45
CA ALA B 275 -31.22 -23.80 -59.68
C ALA B 275 -31.74 -24.26 -61.07
N GLY B 276 -31.98 -23.32 -61.99
CA GLY B 276 -32.46 -23.62 -63.33
C GLY B 276 -33.94 -23.99 -63.42
N GLY B 277 -34.71 -23.61 -62.40
CA GLY B 277 -36.13 -23.89 -62.31
C GLY B 277 -36.97 -23.30 -63.42
N THR B 278 -36.64 -22.08 -63.85
CA THR B 278 -37.35 -21.41 -64.95
C THR B 278 -36.51 -21.47 -66.27
N GLY B 279 -35.61 -22.46 -66.36
CA GLY B 279 -34.73 -22.64 -67.49
C GLY B 279 -33.32 -22.16 -67.21
N LEU B 280 -32.33 -22.75 -67.88
CA LEU B 280 -30.92 -22.36 -67.78
C LEU B 280 -30.68 -20.95 -68.38
N GLY B 281 -31.48 -20.54 -69.34
CA GLY B 281 -31.36 -19.21 -69.92
C GLY B 281 -31.48 -18.09 -68.90
N LEU B 282 -32.37 -18.26 -67.92
CA LEU B 282 -32.56 -17.25 -66.86
C LEU B 282 -31.40 -17.22 -65.90
N VAL B 283 -30.74 -18.37 -65.67
CA VAL B 283 -29.56 -18.48 -64.84
C VAL B 283 -28.42 -17.69 -65.50
N ILE B 284 -28.26 -17.85 -66.83
CA ILE B 284 -27.25 -17.15 -67.60
C ILE B 284 -27.55 -15.67 -67.65
N SER B 285 -28.83 -15.28 -67.78
CA SER B 285 -29.24 -13.86 -67.82
C SER B 285 -28.84 -13.15 -66.53
N LYS B 286 -29.01 -13.82 -65.38
CA LYS B 286 -28.63 -13.22 -64.10
C LYS B 286 -27.13 -13.11 -63.96
N ARG B 287 -26.39 -14.15 -64.36
CA ARG B 287 -24.94 -14.14 -64.30
C ARG B 287 -24.29 -13.13 -65.24
N LEU B 288 -24.89 -12.91 -66.43
CA LEU B 288 -24.38 -11.96 -67.40
C LEU B 288 -24.58 -10.53 -66.93
N ILE B 289 -25.79 -10.20 -66.44
CA ILE B 289 -26.07 -8.86 -65.94
C ILE B 289 -25.22 -8.53 -64.71
N GLU B 290 -24.94 -9.53 -63.86
CA GLU B 290 -24.09 -9.34 -62.69
C GLU B 290 -22.64 -9.14 -63.09
N GLN B 291 -22.19 -9.79 -64.16
CA GLN B 291 -20.84 -9.60 -64.68
C GLN B 291 -20.68 -8.18 -65.24
N MSE B 292 -21.74 -7.58 -65.78
CA MSE B 292 -21.72 -6.20 -66.27
C MSE B 292 -21.89 -5.14 -65.14
O MSE B 292 -21.96 -3.94 -65.44
CB MSE B 292 -22.81 -6.01 -67.32
CG MSE B 292 -22.71 -6.99 -68.47
SE MSE B 292 -24.16 -6.81 -69.75
CE MSE B 292 -23.84 -8.41 -70.79
N GLY B 293 -21.97 -5.59 -63.89
CA GLY B 293 -22.14 -4.74 -62.73
C GLY B 293 -23.57 -4.25 -62.56
N GLY B 294 -24.52 -5.12 -62.86
CA GLY B 294 -25.93 -4.78 -62.79
C GLY B 294 -26.79 -5.68 -61.95
N GLU B 295 -28.09 -5.44 -61.97
CA GLU B 295 -29.07 -6.18 -61.22
C GLU B 295 -30.24 -6.64 -62.08
N ILE B 296 -30.96 -7.67 -61.61
CA ILE B 296 -32.14 -8.20 -62.30
C ILE B 296 -33.19 -8.60 -61.27
N GLY B 297 -34.44 -8.28 -61.54
CA GLY B 297 -35.54 -8.63 -60.64
C GLY B 297 -36.88 -8.73 -61.34
N VAL B 298 -37.92 -9.01 -60.55
CA VAL B 298 -39.31 -9.14 -61.01
C VAL B 298 -40.22 -8.26 -60.17
N ASP B 299 -40.98 -7.36 -60.80
CA ASP B 299 -41.93 -6.48 -60.13
C ASP B 299 -43.38 -6.89 -60.44
N SER B 300 -44.32 -6.54 -59.57
CA SER B 300 -45.72 -6.92 -59.76
C SER B 300 -46.74 -5.95 -59.09
N THR B 301 -47.83 -5.64 -59.82
CA THR B 301 -48.95 -4.82 -59.35
C THR B 301 -50.23 -5.48 -59.88
N PRO B 302 -51.18 -5.82 -58.98
CA PRO B 302 -52.38 -6.56 -59.42
C PRO B 302 -53.18 -5.99 -60.60
N GLY B 303 -53.32 -4.67 -60.69
CA GLY B 303 -54.02 -4.05 -61.82
C GLY B 303 -53.08 -3.40 -62.80
N GLU B 304 -51.92 -4.02 -63.03
CA GLU B 304 -50.90 -3.47 -63.91
C GLU B 304 -50.05 -4.57 -64.60
N GLY B 305 -50.19 -5.83 -64.18
CA GLY B 305 -49.39 -6.90 -64.74
C GLY B 305 -48.01 -6.96 -64.12
N ALA B 306 -47.31 -8.09 -64.31
CA ALA B 306 -45.98 -8.24 -63.76
C ALA B 306 -44.87 -8.02 -64.81
N GLU B 307 -43.62 -7.81 -64.37
CA GLU B 307 -42.52 -7.54 -65.29
C GLU B 307 -41.17 -8.03 -64.82
N PHE B 308 -40.22 -8.14 -65.75
CA PHE B 308 -38.80 -8.39 -65.47
C PHE B 308 -38.13 -7.01 -65.57
N TRP B 309 -37.04 -6.80 -64.87
CA TRP B 309 -36.29 -5.54 -64.97
C TRP B 309 -34.80 -5.81 -64.87
N ILE B 310 -34.01 -5.00 -65.55
CA ILE B 310 -32.57 -5.05 -65.45
C ILE B 310 -32.06 -3.64 -65.22
N SER B 311 -31.07 -3.48 -64.36
CA SER B 311 -30.47 -2.19 -64.09
C SER B 311 -28.99 -2.34 -64.40
N LEU B 312 -28.42 -1.48 -65.24
CA LEU B 312 -27.01 -1.60 -65.57
C LEU B 312 -26.38 -0.27 -65.98
N SER B 313 -25.08 -0.14 -65.75
CA SER B 313 -24.36 1.07 -66.13
C SER B 313 -23.44 0.73 -67.28
N LEU B 314 -23.49 1.52 -68.34
CA LEU B 314 -22.66 1.31 -69.51
C LEU B 314 -22.04 2.63 -69.96
N PRO B 315 -20.80 2.60 -70.46
CA PRO B 315 -20.21 3.84 -70.97
C PRO B 315 -20.85 4.27 -72.29
N LYS B 316 -20.66 5.53 -72.67
CA LYS B 316 -21.21 6.05 -73.91
C LYS B 316 -20.16 6.06 -75.03
N SER B 317 -20.62 5.94 -76.31
CA SER B 317 -19.78 5.92 -77.49
C SER B 317 -19.10 7.28 -77.67
N SER C 26 16.74 18.12 16.03
CA SER C 26 15.67 17.40 15.35
C SER C 26 15.99 17.09 13.89
N ASN C 27 17.28 16.89 13.57
CA ASN C 27 17.71 16.61 12.21
C ASN C 27 17.17 15.29 11.64
N GLU C 28 16.93 14.29 12.49
CA GLU C 28 16.40 13.00 12.04
C GLU C 28 14.87 12.95 11.98
N LEU C 29 14.17 13.87 12.67
CA LEU C 29 12.72 13.88 12.67
C LEU C 29 12.14 14.39 11.35
N ASP C 30 12.81 15.38 10.73
CA ASP C 30 12.37 15.89 9.43
C ASP C 30 12.67 14.91 8.27
N GLU C 31 13.60 13.97 8.48
CA GLU C 31 13.98 12.96 7.48
C GLU C 31 12.88 11.89 7.35
N LEU C 32 12.23 11.54 8.48
CA LEU C 32 11.14 10.56 8.50
C LEU C 32 9.85 11.17 7.93
N ALA C 33 9.63 12.48 8.16
CA ALA C 33 8.45 13.19 7.65
C ALA C 33 8.53 13.44 6.15
N SER C 34 9.75 13.59 5.60
CA SER C 34 9.97 13.81 4.17
C SER C 34 10.26 12.50 3.40
N GLY C 35 10.69 11.45 4.11
CA GLY C 35 10.97 10.15 3.51
C GLY C 35 9.70 9.43 3.13
N ILE C 36 8.64 9.58 3.94
CA ILE C 36 7.33 8.98 3.68
C ILE C 36 6.65 9.67 2.49
N ASN C 37 6.90 10.98 2.28
CA ASN C 37 6.34 11.73 1.15
C ASN C 37 7.08 11.37 -0.15
N ARG C 38 8.39 11.07 -0.06
CA ARG C 38 9.19 10.66 -1.22
C ARG C 38 8.84 9.21 -1.61
N MSE C 39 8.54 8.35 -0.62
CA MSE C 39 8.17 6.96 -0.86
C MSE C 39 6.78 6.89 -1.51
O MSE C 39 6.59 6.12 -2.45
CB MSE C 39 8.19 6.17 0.46
CG MSE C 39 7.79 4.71 0.30
SE MSE C 39 7.63 3.76 2.00
CE MSE C 39 5.83 3.05 1.79
N ALA C 40 5.83 7.70 -1.02
CA ALA C 40 4.47 7.75 -1.58
C ALA C 40 4.41 8.40 -2.96
N GLU C 41 5.39 9.24 -3.31
CA GLU C 41 5.44 9.89 -4.62
C GLU C 41 5.85 8.87 -5.70
N THR C 42 6.73 7.92 -5.35
CA THR C 42 7.16 6.86 -6.29
C THR C 42 6.06 5.81 -6.50
N LEU C 43 5.16 5.63 -5.51
CA LEU C 43 4.04 4.69 -5.63
C LEU C 43 2.94 5.22 -6.54
N GLN C 44 2.71 6.54 -6.51
CA GLN C 44 1.71 7.19 -7.38
C GLN C 44 2.19 7.21 -8.84
N SER C 45 3.52 7.28 -9.06
CA SER C 45 4.12 7.27 -10.39
C SER C 45 4.14 5.83 -10.94
N ALA C 46 4.36 4.83 -10.08
CA ALA C 46 4.36 3.43 -10.51
C ALA C 46 2.92 2.94 -10.77
N GLN C 47 1.92 3.47 -10.02
CA GLN C 47 0.53 3.11 -10.22
C GLN C 47 -0.04 3.71 -11.51
N GLU C 48 0.53 4.83 -12.00
CA GLU C 48 0.12 5.44 -13.26
C GLU C 48 0.62 4.58 -14.43
N GLU C 49 1.84 4.01 -14.30
CA GLU C 49 2.43 3.12 -15.29
C GLU C 49 1.69 1.78 -15.29
N MSE C 50 1.32 1.28 -14.10
CA MSE C 50 0.59 0.02 -13.98
C MSE C 50 -0.90 0.14 -14.35
O MSE C 50 -1.52 -0.86 -14.72
CB MSE C 50 0.80 -0.64 -12.60
CG MSE C 50 0.08 -0.01 -11.41
SE MSE C 50 0.67 -0.96 -9.77
CE MSE C 50 2.68 -0.97 -10.09
N GLN C 51 -1.46 1.36 -14.31
CA GLN C 51 -2.84 1.60 -14.73
C GLN C 51 -2.91 1.61 -16.27
N HIS C 52 -1.84 2.08 -16.95
CA HIS C 52 -1.70 2.08 -18.41
C HIS C 52 -1.66 0.63 -18.93
N ASN C 53 -1.06 -0.30 -18.17
CA ASN C 53 -0.99 -1.72 -18.51
C ASN C 53 -2.36 -2.39 -18.38
N ILE C 54 -3.15 -1.98 -17.37
CA ILE C 54 -4.50 -2.49 -17.13
C ILE C 54 -5.48 -1.94 -18.19
N ASP C 55 -5.30 -0.67 -18.59
CA ASP C 55 -6.13 -0.05 -19.63
C ASP C 55 -5.81 -0.61 -21.03
N GLN C 56 -4.59 -1.13 -21.23
CA GLN C 56 -4.19 -1.76 -22.50
C GLN C 56 -4.63 -3.23 -22.55
N ALA C 57 -4.71 -3.91 -21.39
CA ALA C 57 -5.16 -5.30 -21.32
C ALA C 57 -6.67 -5.41 -21.58
N THR C 58 -7.44 -4.38 -21.21
CA THR C 58 -8.89 -4.36 -21.46
C THR C 58 -9.21 -4.10 -22.95
N GLU C 59 -8.26 -3.52 -23.71
CA GLU C 59 -8.42 -3.26 -25.14
C GLU C 59 -7.89 -4.43 -25.95
N ASP C 60 -6.75 -5.04 -25.52
CA ASP C 60 -6.15 -6.18 -26.22
C ASP C 60 -7.01 -7.44 -26.09
N VAL C 61 -7.71 -7.61 -24.97
CA VAL C 61 -8.61 -8.74 -24.77
C VAL C 61 -9.91 -8.51 -25.56
N ARG C 62 -10.40 -7.26 -25.63
CA ARG C 62 -11.61 -6.88 -26.37
C ARG C 62 -11.42 -7.11 -27.86
N GLN C 63 -10.23 -6.80 -28.41
CA GLN C 63 -9.89 -7.01 -29.82
C GLN C 63 -9.85 -8.50 -30.16
N ASN C 64 -9.38 -9.33 -29.22
CA ASN C 64 -9.30 -10.78 -29.38
C ASN C 64 -10.69 -11.41 -29.37
N LEU C 65 -11.54 -11.08 -28.37
CA LEU C 65 -12.90 -11.62 -28.33
C LEU C 65 -13.82 -11.04 -29.42
N GLU C 66 -13.38 -9.94 -30.08
CA GLU C 66 -14.11 -9.33 -31.19
C GLU C 66 -13.80 -10.14 -32.45
N THR C 67 -12.51 -10.48 -32.66
CA THR C 67 -12.11 -11.25 -33.83
C THR C 67 -12.53 -12.72 -33.71
N ILE C 68 -12.61 -13.29 -32.47
CA ILE C 68 -13.07 -14.67 -32.32
C ILE C 68 -14.56 -14.79 -32.67
N GLU C 69 -15.35 -13.76 -32.39
CA GLU C 69 -16.78 -13.78 -32.70
C GLU C 69 -17.07 -13.33 -34.15
N ILE C 70 -16.20 -12.50 -34.72
CA ILE C 70 -16.33 -12.07 -36.12
C ILE C 70 -15.98 -13.28 -37.02
N GLN C 71 -14.86 -13.96 -36.71
CA GLN C 71 -14.44 -15.14 -37.45
C GLN C 71 -15.39 -16.31 -37.21
N ASN C 72 -15.99 -16.42 -36.02
CA ASN C 72 -16.95 -17.48 -35.70
C ASN C 72 -18.22 -17.34 -36.51
N ILE C 73 -18.64 -16.10 -36.82
CA ILE C 73 -19.85 -15.88 -37.61
C ILE C 73 -19.59 -16.10 -39.12
N GLU C 74 -18.35 -15.87 -39.58
CA GLU C 74 -17.96 -16.11 -40.97
C GLU C 74 -17.86 -17.62 -41.24
N LEU C 75 -17.43 -18.40 -40.23
CA LEU C 75 -17.37 -19.85 -40.32
C LEU C 75 -18.76 -20.47 -40.36
N ASP C 76 -19.75 -19.84 -39.71
CA ASP C 76 -21.13 -20.32 -39.76
C ASP C 76 -21.76 -19.99 -41.12
N LEU C 77 -21.37 -18.85 -41.71
CA LEU C 77 -21.85 -18.38 -42.99
C LEU C 77 -21.30 -19.23 -44.12
N ALA C 78 -19.98 -19.51 -44.12
CA ALA C 78 -19.34 -20.33 -45.15
C ALA C 78 -19.82 -21.78 -45.09
N ARG C 79 -20.13 -22.28 -43.90
CA ARG C 79 -20.62 -23.63 -43.66
C ARG C 79 -22.04 -23.77 -44.21
N LYS C 80 -22.86 -22.74 -44.04
CA LYS C 80 -24.23 -22.72 -44.52
C LYS C 80 -24.28 -22.54 -46.04
N GLU C 81 -23.36 -21.75 -46.60
CA GLU C 81 -23.26 -21.49 -48.03
C GLU C 81 -22.78 -22.73 -48.79
N ALA C 82 -21.90 -23.54 -48.19
CA ALA C 82 -21.42 -24.75 -48.84
C ALA C 82 -22.50 -25.82 -48.89
N LEU C 83 -23.32 -25.90 -47.84
CA LEU C 83 -24.43 -26.84 -47.80
C LEU C 83 -25.54 -26.47 -48.80
N GLU C 84 -25.73 -25.16 -49.01
CA GLU C 84 -26.73 -24.66 -49.93
C GLU C 84 -26.23 -24.78 -51.37
N ALA C 85 -24.92 -24.58 -51.61
CA ALA C 85 -24.35 -24.73 -52.95
C ALA C 85 -24.41 -26.17 -53.43
N SER C 86 -24.32 -27.15 -52.50
CA SER C 86 -24.40 -28.57 -52.83
C SER C 86 -25.86 -28.98 -53.10
N ARG C 87 -26.81 -28.38 -52.37
CA ARG C 87 -28.23 -28.65 -52.56
C ARG C 87 -28.70 -28.05 -53.91
N ILE C 88 -28.20 -26.86 -54.24
CA ILE C 88 -28.52 -26.19 -55.49
C ILE C 88 -27.82 -26.88 -56.68
N LYS C 89 -26.60 -27.40 -56.52
CA LYS C 89 -25.88 -28.13 -57.59
C LYS C 89 -26.68 -29.39 -57.96
N SER C 90 -27.20 -30.10 -56.97
CA SER C 90 -28.00 -31.30 -57.15
C SER C 90 -29.34 -31.00 -57.85
N GLU C 91 -30.01 -29.91 -57.49
CA GLU C 91 -31.26 -29.50 -58.11
C GLU C 91 -31.03 -29.04 -59.54
N PHE C 92 -29.91 -28.33 -59.79
CA PHE C 92 -29.52 -27.83 -61.10
C PHE C 92 -29.32 -28.99 -62.08
N LEU C 93 -28.63 -30.06 -61.63
CA LEU C 93 -28.38 -31.22 -62.46
C LEU C 93 -29.64 -31.98 -62.78
N ALA C 94 -30.56 -32.11 -61.82
CA ALA C 94 -31.82 -32.78 -62.05
C ALA C 94 -32.66 -31.99 -63.06
N ASN C 95 -32.67 -30.67 -62.98
CA ASN C 95 -33.39 -29.80 -63.89
C ASN C 95 -32.79 -29.82 -65.29
N MSE C 96 -31.46 -29.92 -65.38
CA MSE C 96 -30.69 -30.01 -66.62
C MSE C 96 -31.04 -31.33 -67.33
O MSE C 96 -31.26 -31.34 -68.53
CB MSE C 96 -29.17 -29.97 -66.29
CG MSE C 96 -28.38 -28.70 -66.72
SE MSE C 96 -29.38 -27.24 -67.57
CE MSE C 96 -30.29 -26.38 -66.01
N SER C 97 -31.11 -32.42 -66.57
CA SER C 97 -31.47 -33.74 -67.06
C SER C 97 -32.89 -33.70 -67.63
N HIS C 98 -33.82 -33.04 -66.93
CA HIS C 98 -35.20 -32.89 -67.38
C HIS C 98 -35.30 -32.06 -68.66
N GLU C 99 -34.54 -30.98 -68.74
CA GLU C 99 -34.53 -30.07 -69.88
C GLU C 99 -34.09 -30.76 -71.15
N ILE C 100 -33.13 -31.70 -71.04
CA ILE C 100 -32.63 -32.49 -72.17
C ILE C 100 -33.59 -33.64 -72.52
N ARG C 101 -34.19 -34.24 -71.51
CA ARG C 101 -35.15 -35.33 -71.64
C ARG C 101 -36.36 -34.97 -72.50
N THR C 102 -36.86 -33.74 -72.44
CA THR C 102 -38.03 -33.34 -73.22
C THR C 102 -37.76 -33.46 -74.72
N PRO C 103 -36.78 -32.73 -75.32
CA PRO C 103 -36.51 -32.94 -76.76
C PRO C 103 -36.04 -34.35 -77.11
N LEU C 104 -35.31 -35.02 -76.21
CA LEU C 104 -34.83 -36.36 -76.47
C LEU C 104 -35.97 -37.36 -76.63
N ASN C 105 -37.02 -37.21 -75.80
CA ASN C 105 -38.20 -38.07 -75.87
C ASN C 105 -38.97 -37.91 -77.17
N GLY C 106 -38.92 -36.71 -77.74
CA GLY C 106 -39.54 -36.41 -79.02
C GLY C 106 -38.77 -37.12 -80.13
N ILE C 107 -37.44 -37.12 -80.07
CA ILE C 107 -36.61 -37.80 -81.04
C ILE C 107 -36.87 -39.30 -80.95
N LEU C 108 -36.90 -39.85 -79.73
CA LEU C 108 -37.13 -41.28 -79.54
C LEU C 108 -38.51 -41.69 -80.01
N GLY C 109 -39.51 -40.89 -79.67
CA GLY C 109 -40.89 -41.17 -80.03
C GLY C 109 -41.13 -41.20 -81.52
N PHE C 110 -40.71 -40.13 -82.23
CA PHE C 110 -40.87 -40.02 -83.66
C PHE C 110 -39.99 -40.99 -84.45
N THR C 111 -38.85 -41.42 -83.88
CA THR C 111 -37.99 -42.40 -84.53
C THR C 111 -38.72 -43.73 -84.56
N ASN C 112 -39.39 -44.12 -83.46
CA ASN C 112 -40.14 -45.38 -83.40
CA ASN C 112 -40.08 -45.39 -83.44
C ASN C 112 -41.32 -45.37 -84.37
N LEU C 113 -41.99 -44.21 -84.50
CA LEU C 113 -43.12 -44.03 -85.41
C LEU C 113 -42.65 -44.21 -86.86
N LEU C 114 -41.47 -43.68 -87.21
CA LEU C 114 -40.87 -43.81 -88.55
C LEU C 114 -40.44 -45.25 -88.79
N GLN C 115 -39.90 -45.92 -87.76
CA GLN C 115 -39.48 -47.32 -87.85
C GLN C 115 -40.63 -48.25 -88.13
N LYS C 116 -41.86 -47.88 -87.73
CA LYS C 116 -43.06 -48.69 -88.03
C LYS C 116 -43.68 -48.32 -89.40
N SER C 117 -42.96 -47.59 -90.26
CA SER C 117 -43.49 -47.21 -91.56
C SER C 117 -42.71 -47.89 -92.71
N GLU C 118 -43.23 -47.78 -93.92
CA GLU C 118 -42.63 -48.41 -95.08
C GLU C 118 -41.41 -47.65 -95.55
N LEU C 119 -40.23 -48.21 -95.32
CA LEU C 119 -38.93 -47.61 -95.66
C LEU C 119 -38.00 -48.61 -96.36
N SER C 120 -37.01 -48.12 -97.09
CA SER C 120 -36.04 -49.01 -97.74
C SER C 120 -35.03 -49.54 -96.69
N PRO C 121 -34.28 -50.62 -96.98
CA PRO C 121 -33.28 -51.11 -96.02
C PRO C 121 -32.25 -50.05 -95.64
N ARG C 122 -31.87 -49.16 -96.58
CA ARG C 122 -30.90 -48.10 -96.27
C ARG C 122 -31.52 -47.09 -95.33
N GLN C 123 -32.77 -46.67 -95.59
CA GLN C 123 -33.51 -45.74 -94.73
C GLN C 123 -33.66 -46.33 -93.33
N GLN C 124 -33.88 -47.65 -93.21
CA GLN C 124 -34.00 -48.31 -91.92
CA GLN C 124 -34.01 -48.28 -91.90
C GLN C 124 -32.68 -48.36 -91.15
N ASP C 125 -31.55 -48.37 -91.86
CA ASP C 125 -30.22 -48.39 -91.23
C ASP C 125 -29.90 -47.04 -90.64
N TYR C 126 -30.31 -45.95 -91.31
CA TYR C 126 -30.15 -44.58 -90.82
C TYR C 126 -30.98 -44.40 -89.56
N LEU C 127 -32.22 -44.94 -89.50
CA LEU C 127 -33.04 -44.83 -88.31
C LEU C 127 -32.50 -45.61 -87.17
N THR C 128 -31.96 -46.81 -87.43
CA THR C 128 -31.34 -47.63 -86.39
C THR C 128 -30.17 -46.90 -85.74
N THR C 129 -29.43 -46.12 -86.53
CA THR C 129 -28.31 -45.30 -86.06
C THR C 129 -28.81 -44.12 -85.22
N ILE C 130 -29.87 -43.41 -85.66
CA ILE C 130 -30.46 -42.32 -84.89
C ILE C 130 -31.00 -42.87 -83.56
N GLN C 131 -31.59 -44.07 -83.57
CA GLN C 131 -32.15 -44.71 -82.39
C GLN C 131 -31.07 -45.08 -81.39
N LYS C 132 -29.97 -45.68 -81.85
CA LYS C 132 -28.87 -46.07 -80.97
C LYS C 132 -28.17 -44.86 -80.38
N SER C 133 -28.04 -43.78 -81.17
CA SER C 133 -27.46 -42.54 -80.70
C SER C 133 -28.34 -41.91 -79.65
N ALA C 134 -29.66 -41.90 -79.86
CA ALA C 134 -30.60 -41.33 -78.92
C ALA C 134 -30.67 -42.16 -77.64
N GLU C 135 -30.53 -43.48 -77.74
CA GLU C 135 -30.53 -44.36 -76.57
C GLU C 135 -29.28 -44.17 -75.73
N SER C 136 -28.13 -43.86 -76.35
CA SER C 136 -26.90 -43.57 -75.59
C SER C 136 -27.07 -42.24 -74.88
N LEU C 137 -27.64 -41.24 -75.56
CA LEU C 137 -27.90 -39.92 -75.01
C LEU C 137 -28.85 -40.06 -73.79
N LEU C 138 -29.83 -40.96 -73.86
CA LEU C 138 -30.74 -41.25 -72.76
C LEU C 138 -30.00 -41.85 -71.58
N GLY C 139 -29.04 -42.73 -71.83
CA GLY C 139 -28.22 -43.32 -70.78
C GLY C 139 -27.40 -42.27 -70.05
N ILE C 140 -26.91 -41.26 -70.78
CA ILE C 140 -26.13 -40.17 -70.19
C ILE C 140 -26.99 -39.31 -69.28
N ILE C 141 -28.18 -38.86 -69.74
CA ILE C 141 -29.03 -38.03 -68.87
C ILE C 141 -29.61 -38.84 -67.68
N ASN C 142 -29.64 -40.18 -67.77
CA ASN C 142 -30.05 -41.00 -66.63
C ASN C 142 -28.92 -41.03 -65.58
N GLU C 143 -27.66 -40.99 -66.03
CA GLU C 143 -26.51 -40.91 -65.12
C GLU C 143 -26.45 -39.54 -64.48
N ILE C 144 -26.82 -38.47 -65.20
CA ILE C 144 -26.85 -37.11 -64.60
C ILE C 144 -27.89 -37.07 -63.48
N LEU C 145 -29.03 -37.71 -63.68
CA LEU C 145 -30.07 -37.79 -62.69
C LEU C 145 -29.60 -38.65 -61.48
N ASP C 146 -28.90 -39.75 -61.74
CA ASP C 146 -28.31 -40.63 -60.72
C ASP C 146 -27.30 -39.85 -59.86
N PHE C 147 -26.43 -39.06 -60.51
CA PHE C 147 -25.42 -38.28 -59.85
C PHE C 147 -26.04 -37.17 -59.03
N SER C 148 -27.15 -36.58 -59.46
CA SER C 148 -27.83 -35.55 -58.70
C SER C 148 -28.43 -36.14 -57.40
N LYS C 149 -28.80 -37.44 -57.39
CA LYS C 149 -29.31 -38.14 -56.21
C LYS C 149 -28.18 -38.46 -55.24
N ILE C 150 -27.02 -38.85 -55.76
CA ILE C 150 -25.83 -39.11 -54.96
C ILE C 150 -25.32 -37.81 -54.33
N GLU C 151 -25.29 -36.73 -55.11
CA GLU C 151 -24.89 -35.40 -54.67
C GLU C 151 -25.79 -34.87 -53.54
N ALA C 152 -27.08 -35.23 -53.58
CA ALA C 152 -28.02 -34.82 -52.54
C ALA C 152 -28.08 -35.76 -51.34
N GLY C 153 -27.37 -36.87 -51.39
CA GLY C 153 -27.40 -37.87 -50.34
C GLY C 153 -28.70 -38.66 -50.30
N LYS C 154 -29.50 -38.59 -51.38
CA LYS C 154 -30.75 -39.31 -51.47
C LYS C 154 -30.63 -40.66 -52.18
N LEU C 155 -29.40 -41.22 -52.22
CA LEU C 155 -29.20 -42.53 -52.84
C LEU C 155 -29.15 -43.63 -51.79
N VAL C 156 -30.17 -44.49 -51.78
CA VAL C 156 -30.28 -45.59 -50.83
C VAL C 156 -29.82 -46.89 -51.46
N LEU C 157 -28.83 -47.57 -50.86
CA LEU C 157 -28.35 -48.84 -51.39
C LEU C 157 -29.23 -50.01 -50.96
N GLU C 158 -29.60 -50.87 -51.92
CA GLU C 158 -30.42 -52.05 -51.64
C GLU C 158 -29.66 -53.08 -50.78
N ASN C 159 -30.37 -54.05 -50.23
CA ASN C 159 -29.79 -55.09 -49.40
C ASN C 159 -30.33 -56.44 -49.87
N LEU C 160 -29.73 -56.98 -50.92
CA LEU C 160 -30.16 -58.23 -51.51
C LEU C 160 -29.03 -59.23 -51.61
N PRO C 161 -29.30 -60.51 -51.32
CA PRO C 161 -28.26 -61.53 -51.53
C PRO C 161 -28.01 -61.71 -53.04
N PHE C 162 -26.77 -61.97 -53.43
CA PHE C 162 -26.44 -62.15 -54.85
C PHE C 162 -25.28 -63.11 -55.08
N ASN C 163 -25.13 -63.61 -56.32
CA ASN C 163 -24.03 -64.48 -56.68
C ASN C 163 -23.03 -63.62 -57.46
N LEU C 164 -21.83 -63.42 -56.91
CA LEU C 164 -20.80 -62.61 -57.54
C LEU C 164 -20.35 -63.16 -58.88
N ARG C 165 -20.28 -64.50 -59.04
CA ARG C 165 -19.87 -65.08 -60.31
C ARG C 165 -20.91 -64.77 -61.38
N ASP C 166 -22.20 -64.93 -61.03
CA ASP C 166 -23.31 -64.64 -61.96
C ASP C 166 -23.33 -63.17 -62.33
N LEU C 167 -23.08 -62.29 -61.35
CA LEU C 167 -23.07 -60.85 -61.55
C LEU C 167 -22.03 -60.41 -62.58
N ILE C 168 -20.80 -60.92 -62.46
CA ILE C 168 -19.73 -60.56 -63.39
C ILE C 168 -19.99 -61.14 -64.78
N GLN C 169 -20.54 -62.37 -64.84
CA GLN C 169 -20.85 -63.02 -66.11
C GLN C 169 -21.96 -62.28 -66.85
N ASP C 170 -22.96 -61.75 -66.11
CA ASP C 170 -24.07 -61.01 -66.71
C ASP C 170 -23.61 -59.65 -67.22
N ALA C 171 -22.69 -58.99 -66.50
CA ALA C 171 -22.14 -57.70 -66.90
C ALA C 171 -21.28 -57.84 -68.17
N LEU C 172 -20.56 -58.97 -68.30
CA LEU C 172 -19.72 -59.25 -69.45
C LEU C 172 -20.55 -59.65 -70.68
N THR C 173 -21.70 -60.30 -70.46
CA THR C 173 -22.61 -60.70 -71.56
C THR C 173 -23.23 -59.44 -72.20
N MSE C 174 -23.57 -58.44 -71.38
CA MSE C 174 -24.15 -57.18 -71.86
C MSE C 174 -23.13 -56.35 -72.66
O MSE C 174 -23.52 -55.59 -73.56
CB MSE C 174 -24.69 -56.36 -70.68
CG MSE C 174 -25.79 -55.39 -71.08
SE MSE C 174 -26.60 -54.54 -69.52
CE MSE C 174 -27.22 -56.15 -68.58
N LEU C 175 -21.83 -56.49 -72.35
CA LEU C 175 -20.77 -55.77 -73.05
C LEU C 175 -20.09 -56.56 -74.16
N ALA C 176 -20.53 -57.80 -74.42
CA ALA C 176 -19.97 -58.63 -75.49
C ALA C 176 -20.18 -58.02 -76.89
N PRO C 177 -21.34 -57.39 -77.24
CA PRO C 177 -21.46 -56.78 -78.57
C PRO C 177 -20.43 -55.67 -78.80
N ALA C 178 -20.22 -54.78 -77.80
CA ALA C 178 -19.26 -53.68 -77.88
C ALA C 178 -17.81 -54.17 -77.96
N ALA C 179 -17.50 -55.26 -77.26
CA ALA C 179 -16.17 -55.84 -77.27
C ALA C 179 -15.90 -56.54 -78.60
N HIS C 180 -16.90 -57.26 -79.14
CA HIS C 180 -16.76 -57.95 -80.43
C HIS C 180 -16.74 -56.98 -81.62
N GLU C 181 -17.29 -55.76 -81.43
CA GLU C 181 -17.28 -54.70 -82.43
C GLU C 181 -15.82 -54.25 -82.69
N LYS C 182 -15.01 -54.17 -81.62
CA LYS C 182 -13.61 -53.76 -81.70
C LYS C 182 -12.61 -54.93 -81.81
N GLN C 183 -13.11 -56.16 -82.06
CA GLN C 183 -12.32 -57.40 -82.19
C GLN C 183 -11.60 -57.78 -80.90
N LEU C 184 -12.26 -57.57 -79.75
CA LEU C 184 -11.70 -57.90 -78.44
C LEU C 184 -12.42 -59.11 -77.83
N GLU C 185 -11.75 -59.80 -76.91
CA GLU C 185 -12.35 -60.92 -76.20
C GLU C 185 -12.64 -60.52 -74.75
N LEU C 186 -13.76 -60.99 -74.20
CA LEU C 186 -14.12 -60.69 -72.82
C LEU C 186 -13.94 -61.93 -71.98
N VAL C 187 -13.05 -61.87 -71.02
CA VAL C 187 -12.74 -63.02 -70.18
C VAL C 187 -13.08 -62.73 -68.72
N SER C 188 -13.61 -63.74 -68.01
CA SER C 188 -13.97 -63.64 -66.61
C SER C 188 -13.28 -64.72 -65.80
N LEU C 189 -12.84 -64.38 -64.59
CA LEU C 189 -12.15 -65.33 -63.74
C LEU C 189 -12.42 -65.13 -62.26
N VAL C 190 -13.27 -65.99 -61.71
CA VAL C 190 -13.58 -65.96 -60.29
C VAL C 190 -12.89 -67.18 -59.71
N TYR C 191 -11.92 -66.97 -58.82
CA TYR C 191 -11.15 -68.07 -58.23
C TYR C 191 -11.95 -68.98 -57.32
N ARG C 192 -11.45 -70.19 -57.05
CA ARG C 192 -12.12 -71.17 -56.20
C ARG C 192 -12.31 -70.69 -54.77
N ASP C 193 -11.32 -69.97 -54.23
CA ASP C 193 -11.41 -69.46 -52.88
C ASP C 193 -12.16 -68.12 -52.74
N THR C 194 -12.71 -67.60 -53.86
CA THR C 194 -13.45 -66.34 -53.82
C THR C 194 -14.88 -66.58 -53.34
N PRO C 195 -15.27 -65.95 -52.22
CA PRO C 195 -16.64 -66.13 -51.72
C PRO C 195 -17.62 -65.43 -52.66
N ILE C 196 -18.50 -66.19 -53.34
CA ILE C 196 -19.43 -65.62 -54.29
C ILE C 196 -20.81 -65.33 -53.73
N GLN C 197 -21.20 -65.97 -52.61
CA GLN C 197 -22.51 -65.73 -52.01
C GLN C 197 -22.45 -64.54 -51.06
N LEU C 198 -22.70 -63.35 -51.59
CA LEU C 198 -22.60 -62.10 -50.84
C LEU C 198 -23.95 -61.38 -50.69
N GLN C 199 -23.97 -60.20 -50.05
CA GLN C 199 -25.19 -59.43 -49.87
C GLN C 199 -24.90 -57.92 -49.99
N GLY C 200 -25.71 -57.21 -50.77
CA GLY C 200 -25.53 -55.78 -50.98
C GLY C 200 -26.39 -55.23 -52.09
N ASP C 201 -25.83 -54.37 -52.95
CA ASP C 201 -26.60 -53.81 -54.08
C ASP C 201 -26.05 -54.39 -55.36
N PRO C 202 -26.66 -55.49 -55.85
CA PRO C 202 -26.14 -56.10 -57.09
C PRO C 202 -26.30 -55.25 -58.34
N GLN C 203 -27.29 -54.35 -58.38
CA GLN C 203 -27.47 -53.49 -59.56
C GLN C 203 -26.47 -52.34 -59.60
N ARG C 204 -26.12 -51.81 -58.42
CA ARG C 204 -25.13 -50.73 -58.35
C ARG C 204 -23.70 -51.26 -58.54
N LEU C 205 -23.44 -52.49 -58.08
CA LEU C 205 -22.14 -53.12 -58.26
C LEU C 205 -21.95 -53.47 -59.75
N LYS C 206 -23.03 -53.90 -60.43
CA LYS C 206 -23.06 -54.21 -61.86
C LYS C 206 -22.87 -52.93 -62.70
N GLN C 207 -23.38 -51.80 -62.21
CA GLN C 207 -23.26 -50.49 -62.86
C GLN C 207 -21.80 -50.05 -62.89
N ILE C 208 -21.07 -50.29 -61.77
CA ILE C 208 -19.65 -49.99 -61.65
C ILE C 208 -18.87 -50.88 -62.62
N LEU C 209 -19.13 -52.20 -62.59
CA LEU C 209 -18.46 -53.16 -63.47
C LEU C 209 -18.67 -52.90 -64.94
N THR C 210 -19.93 -52.66 -65.37
CA THR C 210 -20.20 -52.38 -66.79
C THR C 210 -19.50 -51.10 -67.24
N ASN C 211 -19.40 -50.10 -66.37
CA ASN C 211 -18.71 -48.86 -66.71
C ASN C 211 -17.20 -49.10 -66.83
N LEU C 212 -16.60 -49.85 -65.89
CA LEU C 212 -15.17 -50.11 -65.93
C LEU C 212 -14.79 -50.97 -67.12
N VAL C 213 -15.56 -52.02 -67.40
CA VAL C 213 -15.31 -52.90 -68.54
C VAL C 213 -15.58 -52.17 -69.87
N GLY C 214 -16.61 -51.34 -69.89
CA GLY C 214 -16.97 -50.53 -71.04
C GLY C 214 -15.89 -49.52 -71.38
N ASN C 215 -15.25 -48.95 -70.35
CA ASN C 215 -14.15 -47.99 -70.53
C ASN C 215 -12.92 -48.73 -71.01
N ALA C 216 -12.61 -49.89 -70.41
CA ALA C 216 -11.50 -50.73 -70.82
C ALA C 216 -11.59 -51.13 -72.31
N ILE C 217 -12.81 -51.38 -72.82
CA ILE C 217 -13.05 -51.73 -74.23
C ILE C 217 -12.64 -50.55 -75.15
N LYS C 218 -12.96 -49.31 -74.73
CA LYS C 218 -12.60 -48.11 -75.49
C LYS C 218 -11.11 -47.84 -75.49
N PHE C 219 -10.42 -48.18 -74.39
CA PHE C 219 -8.99 -47.88 -74.24
C PHE C 219 -8.03 -48.78 -75.05
N THR C 220 -8.51 -49.94 -75.55
CA THR C 220 -7.61 -50.83 -76.31
C THR C 220 -8.10 -51.10 -77.73
N GLN C 221 -7.15 -51.34 -78.64
CA GLN C 221 -7.45 -51.63 -80.03
C GLN C 221 -7.53 -53.13 -80.35
N GLY C 222 -6.89 -53.95 -79.52
CA GLY C 222 -6.87 -55.40 -79.69
C GLY C 222 -6.53 -56.15 -78.42
N GLY C 223 -6.78 -57.45 -78.44
CA GLY C 223 -6.47 -58.28 -77.29
C GLY C 223 -7.69 -58.72 -76.50
N THR C 224 -7.51 -58.88 -75.20
CA THR C 224 -8.56 -59.33 -74.30
C THR C 224 -8.71 -58.37 -73.12
N VAL C 225 -9.95 -58.17 -72.67
CA VAL C 225 -10.26 -57.41 -71.47
C VAL C 225 -10.54 -58.51 -70.46
N ALA C 226 -9.70 -58.64 -69.42
CA ALA C 226 -9.85 -59.71 -68.44
C ALA C 226 -10.31 -59.23 -67.07
N VAL C 227 -11.41 -59.79 -66.56
CA VAL C 227 -11.91 -59.45 -65.23
C VAL C 227 -11.56 -60.56 -64.24
N ARG C 228 -10.91 -60.23 -63.11
CA ARG C 228 -10.56 -61.23 -62.10
C ARG C 228 -11.19 -60.84 -60.77
N ALA C 229 -11.78 -61.80 -60.06
CA ALA C 229 -12.39 -61.54 -58.76
C ALA C 229 -11.57 -62.29 -57.72
N MSE C 230 -10.89 -61.56 -56.82
CA MSE C 230 -10.02 -62.19 -55.83
C MSE C 230 -10.35 -61.84 -54.39
O MSE C 230 -10.80 -60.74 -54.11
CB MSE C 230 -8.56 -61.78 -56.08
CG MSE C 230 -8.11 -61.91 -57.51
SE MSE C 230 -6.87 -60.49 -57.98
CE MSE C 230 -8.11 -59.23 -58.79
N LEU C 231 -10.03 -62.76 -53.48
CA LEU C 231 -10.20 -62.53 -52.05
C LEU C 231 -8.94 -61.84 -51.53
N GLU C 232 -9.11 -60.84 -50.65
CA GLU C 232 -7.98 -60.13 -50.06
C GLU C 232 -7.87 -60.49 -48.57
N ASP C 233 -9.01 -60.47 -47.88
CA ASP C 233 -9.12 -60.75 -46.45
C ASP C 233 -10.51 -61.38 -46.22
N GLU C 234 -10.64 -62.31 -45.25
CA GLU C 234 -11.92 -62.96 -45.03
C GLU C 234 -12.23 -63.24 -43.55
N SER C 235 -13.47 -63.00 -43.15
CA SER C 235 -13.96 -63.27 -41.80
C SER C 235 -15.23 -64.15 -41.86
N ASP C 236 -15.82 -64.51 -40.71
CA ASP C 236 -17.00 -65.36 -40.66
C ASP C 236 -18.24 -64.68 -41.26
N ASP C 237 -18.33 -63.36 -41.10
CA ASP C 237 -19.49 -62.59 -41.57
C ASP C 237 -19.26 -61.78 -42.86
N ARG C 238 -18.03 -61.29 -43.07
CA ARG C 238 -17.74 -60.46 -44.26
C ARG C 238 -16.63 -61.04 -45.16
N ALA C 239 -16.45 -60.43 -46.36
CA ALA C 239 -15.42 -60.82 -47.31
C ALA C 239 -14.87 -59.55 -47.98
N GLN C 240 -13.54 -59.37 -47.97
CA GLN C 240 -12.88 -58.22 -48.59
C GLN C 240 -12.42 -58.67 -49.98
N LEU C 241 -12.92 -58.02 -51.03
CA LEU C 241 -12.61 -58.44 -52.40
C LEU C 241 -11.90 -57.39 -53.23
N ARG C 242 -11.18 -57.85 -54.25
CA ARG C 242 -10.53 -57.01 -55.24
C ARG C 242 -10.98 -57.49 -56.61
N ILE C 243 -11.48 -56.59 -57.44
CA ILE C 243 -11.89 -56.94 -58.78
C ILE C 243 -11.08 -56.08 -59.74
N SER C 244 -10.38 -56.71 -60.68
CA SER C 244 -9.56 -55.96 -61.64
C SER C 244 -10.07 -56.13 -63.07
N VAL C 245 -10.11 -55.03 -63.85
CA VAL C 245 -10.51 -55.06 -65.25
C VAL C 245 -9.26 -54.65 -66.03
N GLN C 246 -8.53 -55.62 -66.55
CA GLN C 246 -7.26 -55.37 -67.23
C GLN C 246 -7.26 -55.54 -68.74
N ASP C 247 -6.65 -54.60 -69.47
CA ASP C 247 -6.46 -54.75 -70.90
C ASP C 247 -5.06 -55.30 -71.01
N THR C 248 -4.91 -56.62 -71.23
CA THR C 248 -3.61 -57.27 -71.29
C THR C 248 -2.75 -56.80 -72.47
N GLY C 249 -3.41 -56.44 -73.58
CA GLY C 249 -2.74 -55.91 -74.77
C GLY C 249 -1.81 -56.83 -75.52
N ILE C 250 -2.16 -58.13 -75.63
CA ILE C 250 -1.32 -59.07 -76.36
C ILE C 250 -1.47 -58.86 -77.86
N GLY C 251 -0.34 -58.69 -78.55
CA GLY C 251 -0.33 -58.45 -79.99
C GLY C 251 -0.46 -56.99 -80.38
N LEU C 252 -0.47 -56.08 -79.40
CA LEU C 252 -0.58 -54.65 -79.68
C LEU C 252 0.73 -54.10 -80.21
N SER C 253 0.66 -53.27 -81.25
CA SER C 253 1.86 -52.62 -81.79
C SER C 253 2.35 -51.52 -80.81
N GLU C 254 3.56 -50.97 -81.01
CA GLU C 254 4.09 -49.93 -80.14
C GLU C 254 3.18 -48.69 -80.06
N GLU C 255 2.53 -48.34 -81.18
CA GLU C 255 1.60 -47.20 -81.26
C GLU C 255 0.36 -47.46 -80.43
N ASP C 256 -0.20 -48.69 -80.52
CA ASP C 256 -1.39 -49.08 -79.78
C ASP C 256 -1.09 -49.29 -78.28
N GLN C 257 0.16 -49.65 -77.94
CA GLN C 257 0.59 -49.80 -76.55
C GLN C 257 0.69 -48.42 -75.89
N GLN C 258 1.21 -47.42 -76.64
CA GLN C 258 1.32 -46.05 -76.16
C GLN C 258 -0.07 -45.46 -75.95
N ALA C 259 -1.00 -45.73 -76.88
CA ALA C 259 -2.38 -45.26 -76.82
C ALA C 259 -3.14 -45.87 -75.65
N LEU C 260 -2.84 -47.13 -75.29
CA LEU C 260 -3.48 -47.84 -74.18
C LEU C 260 -3.08 -47.24 -72.84
N PHE C 261 -1.77 -47.02 -72.61
CA PHE C 261 -1.29 -46.44 -71.36
C PHE C 261 -1.70 -44.98 -71.20
N LYS C 262 -1.81 -44.25 -72.31
CA LYS C 262 -2.23 -42.85 -72.31
C LYS C 262 -3.70 -42.76 -71.91
N ALA C 263 -4.54 -43.68 -72.44
CA ALA C 263 -5.96 -43.72 -72.15
C ALA C 263 -6.22 -44.06 -70.68
N PHE C 264 -5.47 -45.01 -70.12
CA PHE C 264 -5.60 -45.40 -68.73
C PHE C 264 -5.06 -44.37 -67.75
N SER C 265 -4.02 -43.62 -68.15
CA SER C 265 -3.48 -42.55 -67.30
C SER C 265 -4.44 -41.35 -67.29
N GLN C 266 -5.18 -41.12 -68.39
CA GLN C 266 -6.19 -40.07 -68.49
C GLN C 266 -7.37 -40.41 -67.57
N ALA C 267 -7.75 -41.71 -67.50
CA ALA C 267 -8.82 -42.23 -66.64
C ALA C 267 -8.41 -42.14 -65.17
N ASP C 268 -7.12 -42.33 -64.87
CA ASP C 268 -6.59 -42.23 -63.51
C ASP C 268 -6.59 -40.76 -63.04
N ASN C 269 -6.37 -39.82 -63.97
CA ASN C 269 -6.38 -38.40 -63.69
C ASN C 269 -7.83 -37.96 -63.42
N SER C 270 -8.78 -38.44 -64.26
CA SER C 270 -10.21 -38.15 -64.12
C SER C 270 -10.82 -38.72 -62.84
N LEU C 271 -10.22 -39.80 -62.31
CA LEU C 271 -10.65 -40.43 -61.07
C LEU C 271 -10.33 -39.51 -59.89
N SER C 272 -9.15 -38.88 -59.92
CA SER C 272 -8.71 -37.97 -58.86
C SER C 272 -9.40 -36.60 -58.99
N ARG C 273 -9.49 -36.07 -60.23
CA ARG C 273 -10.08 -34.77 -60.56
C ARG C 273 -11.60 -34.75 -60.37
N GLN C 274 -12.28 -35.84 -60.75
CA GLN C 274 -13.73 -36.01 -60.65
C GLN C 274 -14.52 -34.94 -61.39
N ALA C 275 -14.06 -34.57 -62.59
CA ALA C 275 -14.74 -33.55 -63.40
C ALA C 275 -15.47 -34.12 -64.62
N GLY C 276 -15.59 -35.44 -64.73
CA GLY C 276 -16.28 -36.07 -65.85
C GLY C 276 -15.50 -36.12 -67.15
N GLY C 277 -14.18 -36.01 -67.06
CA GLY C 277 -13.27 -36.04 -68.20
C GLY C 277 -13.30 -37.33 -68.99
N THR C 278 -13.39 -38.47 -68.28
CA THR C 278 -13.48 -39.79 -68.92
C THR C 278 -14.95 -40.32 -68.91
N GLY C 279 -15.91 -39.41 -68.88
CA GLY C 279 -17.31 -39.75 -68.84
C GLY C 279 -17.87 -39.64 -67.43
N LEU C 280 -19.17 -39.34 -67.34
CA LEU C 280 -19.85 -39.25 -66.06
C LEU C 280 -19.97 -40.61 -65.37
N GLY C 281 -19.99 -41.69 -66.15
CA GLY C 281 -20.07 -43.04 -65.60
C GLY C 281 -18.96 -43.36 -64.64
N LEU C 282 -17.75 -42.86 -64.92
CA LEU C 282 -16.59 -43.09 -64.06
C LEU C 282 -16.71 -42.29 -62.76
N VAL C 283 -17.33 -41.10 -62.81
CA VAL C 283 -17.58 -40.27 -61.63
C VAL C 283 -18.56 -40.99 -60.71
N ILE C 284 -19.60 -41.60 -61.28
CA ILE C 284 -20.61 -42.35 -60.54
C ILE C 284 -20.00 -43.63 -59.99
N SER C 285 -19.12 -44.31 -60.76
CA SER C 285 -18.46 -45.53 -60.31
C SER C 285 -17.62 -45.27 -59.06
N LYS C 286 -16.95 -44.11 -59.00
CA LYS C 286 -16.13 -43.76 -57.84
C LYS C 286 -17.02 -43.42 -56.65
N ARG C 287 -18.09 -42.65 -56.86
CA ARG C 287 -19.02 -42.28 -55.78
C ARG C 287 -19.78 -43.49 -55.22
N LEU C 288 -20.12 -44.48 -56.07
CA LEU C 288 -20.84 -45.67 -55.65
C LEU C 288 -19.93 -46.59 -54.83
N ILE C 289 -18.69 -46.83 -55.29
CA ILE C 289 -17.76 -47.69 -54.57
C ILE C 289 -17.38 -47.06 -53.23
N GLU C 290 -17.29 -45.72 -53.16
CA GLU C 290 -16.99 -45.02 -51.91
C GLU C 290 -18.16 -45.08 -50.94
N GLN C 291 -19.41 -45.06 -51.46
CA GLN C 291 -20.60 -45.20 -50.64
C GLN C 291 -20.66 -46.62 -50.02
N MSE C 292 -20.14 -47.63 -50.72
CA MSE C 292 -20.07 -49.00 -50.20
C MSE C 292 -18.86 -49.25 -49.27
O MSE C 292 -18.64 -50.40 -48.85
CB MSE C 292 -20.02 -50.00 -51.37
CG MSE C 292 -21.18 -49.85 -52.33
SE MSE C 292 -21.01 -51.04 -53.86
CE MSE C 292 -22.43 -50.32 -54.94
N GLY C 293 -18.08 -48.22 -48.98
CA GLY C 293 -16.90 -48.30 -48.12
C GLY C 293 -15.71 -48.91 -48.83
N GLY C 294 -15.54 -48.57 -50.10
CA GLY C 294 -14.45 -49.11 -50.89
C GLY C 294 -13.56 -48.10 -51.61
N GLU C 295 -12.64 -48.61 -52.44
CA GLU C 295 -11.68 -47.81 -53.19
C GLU C 295 -11.65 -48.19 -54.67
N ILE C 296 -11.15 -47.28 -55.51
CA ILE C 296 -11.02 -47.50 -56.95
C ILE C 296 -9.73 -46.84 -57.45
N GLY C 297 -9.00 -47.52 -58.33
CA GLY C 297 -7.76 -47.00 -58.89
C GLY C 297 -7.37 -47.59 -60.22
N VAL C 298 -6.22 -47.17 -60.75
CA VAL C 298 -5.68 -47.63 -62.03
C VAL C 298 -4.22 -48.06 -61.86
N ASP C 299 -3.89 -49.32 -62.23
CA ASP C 299 -2.52 -49.84 -62.15
C ASP C 299 -1.91 -50.01 -63.55
N SER C 300 -0.57 -50.01 -63.65
CA SER C 300 0.09 -50.12 -64.95
C SER C 300 1.51 -50.71 -64.91
N THR C 301 1.84 -51.58 -65.90
CA THR C 301 3.15 -52.20 -66.09
C THR C 301 3.41 -52.23 -67.61
N PRO C 302 4.54 -51.66 -68.07
CA PRO C 302 4.80 -51.57 -69.53
C PRO C 302 4.65 -52.85 -70.36
N GLY C 303 5.10 -53.98 -69.83
CA GLY C 303 5.01 -55.25 -70.52
C GLY C 303 3.93 -56.15 -69.93
N GLU C 304 2.82 -55.54 -69.51
CA GLU C 304 1.71 -56.26 -68.89
C GLU C 304 0.34 -55.62 -69.15
N GLY C 305 0.32 -54.39 -69.67
CA GLY C 305 -0.93 -53.67 -69.90
C GLY C 305 -1.42 -52.99 -68.65
N ALA C 306 -2.36 -52.06 -68.81
CA ALA C 306 -2.91 -51.33 -67.67
C ALA C 306 -4.29 -51.88 -67.23
N GLU C 307 -4.74 -51.54 -66.01
CA GLU C 307 -6.00 -52.05 -65.50
C GLU C 307 -6.72 -51.10 -64.55
N PHE C 308 -8.02 -51.33 -64.34
CA PHE C 308 -8.84 -50.66 -63.34
C PHE C 308 -8.94 -51.66 -62.16
N TRP C 309 -9.13 -51.17 -60.94
CA TRP C 309 -9.33 -52.05 -59.79
C TRP C 309 -10.29 -51.45 -58.80
N ILE C 310 -11.05 -52.32 -58.11
CA ILE C 310 -11.95 -51.89 -57.05
C ILE C 310 -11.71 -52.78 -55.84
N SER C 311 -11.72 -52.18 -54.66
CA SER C 311 -11.55 -52.92 -53.41
C SER C 311 -12.77 -52.63 -52.57
N LEU C 312 -13.48 -53.67 -52.11
CA LEU C 312 -14.68 -53.45 -51.30
C LEU C 312 -14.96 -54.59 -50.34
N SER C 313 -15.62 -54.28 -49.21
CA SER C 313 -15.99 -55.28 -48.23
C SER C 313 -17.49 -55.46 -48.26
N LEU C 314 -17.94 -56.72 -48.36
CA LEU C 314 -19.36 -57.04 -48.40
C LEU C 314 -19.66 -58.20 -47.47
N PRO C 315 -20.83 -58.19 -46.79
CA PRO C 315 -21.18 -59.33 -45.94
C PRO C 315 -21.53 -60.57 -46.78
N LYS C 316 -21.52 -61.74 -46.14
CA LYS C 316 -21.85 -62.99 -46.83
C LYS C 316 -23.31 -63.40 -46.57
N SER C 317 -23.91 -64.15 -47.52
CA SER C 317 -25.29 -64.63 -47.49
C SER C 317 -26.32 -63.53 -47.36
N SER D 26 1.89 -3.85 -27.32
CA SER D 26 2.48 -5.18 -27.32
C SER D 26 3.25 -5.47 -26.02
N ASN D 27 3.33 -6.78 -25.60
CA ASN D 27 3.97 -7.35 -24.39
C ASN D 27 3.73 -6.50 -23.13
N GLU D 28 2.46 -6.23 -22.86
CA GLU D 28 2.07 -5.43 -21.70
C GLU D 28 1.88 -6.24 -20.41
N LEU D 29 1.71 -7.57 -20.53
CA LEU D 29 1.51 -8.41 -19.35
C LEU D 29 2.80 -8.62 -18.57
N ASP D 30 3.93 -8.72 -19.27
CA ASP D 30 5.23 -8.86 -18.60
C ASP D 30 5.74 -7.54 -17.96
N GLU D 31 5.18 -6.39 -18.39
CA GLU D 31 5.51 -5.07 -17.86
C GLU D 31 4.88 -4.87 -16.47
N LEU D 32 3.68 -5.42 -16.25
CA LEU D 32 2.98 -5.34 -14.97
C LEU D 32 3.62 -6.31 -13.95
N ALA D 33 4.11 -7.47 -14.42
CA ALA D 33 4.76 -8.46 -13.56
C ALA D 33 6.17 -8.02 -13.13
N SER D 34 6.85 -7.21 -13.96
CA SER D 34 8.18 -6.68 -13.64
C SER D 34 8.15 -5.27 -13.00
N GLY D 35 7.05 -4.55 -13.18
CA GLY D 35 6.85 -3.23 -12.61
C GLY D 35 6.61 -3.30 -11.12
N ILE D 36 5.89 -4.34 -10.67
CA ILE D 36 5.61 -4.58 -9.25
C ILE D 36 6.89 -5.00 -8.50
N ASN D 37 7.82 -5.71 -9.18
CA ASN D 37 9.09 -6.12 -8.60
C ASN D 37 10.06 -4.93 -8.49
N ARG D 38 9.98 -3.99 -9.44
CA ARG D 38 10.80 -2.77 -9.44
C ARG D 38 10.28 -1.79 -8.37
N MSE D 39 8.94 -1.75 -8.16
CA MSE D 39 8.32 -0.89 -7.17
C MSE D 39 8.64 -1.40 -5.75
O MSE D 39 8.96 -0.60 -4.87
CB MSE D 39 6.80 -0.83 -7.39
CG MSE D 39 6.07 0.02 -6.37
SE MSE D 39 4.12 -0.08 -6.54
CE MSE D 39 3.66 -0.69 -4.72
N ALA D 40 8.59 -2.73 -5.54
CA ALA D 40 8.90 -3.34 -4.25
C ALA D 40 10.39 -3.30 -3.91
N GLU D 41 11.27 -3.17 -4.91
CA GLU D 41 12.71 -3.07 -4.69
C GLU D 41 13.07 -1.68 -4.11
N THR D 42 12.36 -0.63 -4.55
CA THR D 42 12.58 0.73 -4.04
C THR D 42 12.01 0.91 -2.62
N LEU D 43 11.00 0.10 -2.24
CA LEU D 43 10.41 0.15 -0.91
C LEU D 43 11.30 -0.52 0.12
N GLN D 44 12.03 -1.58 -0.27
CA GLN D 44 12.97 -2.27 0.61
C GLN D 44 14.22 -1.40 0.89
N SER D 45 14.61 -0.56 -0.09
CA SER D 45 15.74 0.36 0.04
C SER D 45 15.34 1.59 0.89
N ALA D 46 14.10 2.06 0.72
CA ALA D 46 13.60 3.19 1.50
C ALA D 46 13.30 2.77 2.94
N GLN D 47 12.87 1.51 3.15
CA GLN D 47 12.58 0.99 4.49
C GLN D 47 13.89 0.78 5.29
N GLU D 48 15.03 0.57 4.62
CA GLU D 48 16.31 0.44 5.31
C GLU D 48 16.74 1.82 5.86
N GLU D 49 16.49 2.89 5.08
CA GLU D 49 16.78 4.27 5.45
C GLU D 49 15.82 4.71 6.57
N MSE D 50 14.53 4.34 6.43
CA MSE D 50 13.50 4.67 7.42
C MSE D 50 13.60 3.83 8.70
O MSE D 50 13.08 4.26 9.72
CB MSE D 50 12.09 4.61 6.82
CG MSE D 50 11.37 5.96 6.87
SE MSE D 50 9.78 5.99 5.80
CE MSE D 50 10.47 5.28 4.16
N GLN D 51 14.26 2.66 8.65
CA GLN D 51 14.49 1.82 9.84
C GLN D 51 15.61 2.46 10.69
N HIS D 52 16.60 3.10 10.04
CA HIS D 52 17.68 3.83 10.71
C HIS D 52 17.11 5.04 11.50
N ASN D 53 16.06 5.68 10.96
CA ASN D 53 15.39 6.81 11.60
C ASN D 53 14.57 6.34 12.81
N ILE D 54 13.97 5.14 12.73
CA ILE D 54 13.18 4.54 13.82
C ILE D 54 14.12 4.05 14.92
N ASP D 55 15.29 3.52 14.57
CA ASP D 55 16.29 3.07 15.55
C ASP D 55 16.95 4.26 16.28
N GLN D 56 17.01 5.43 15.63
CA GLN D 56 17.56 6.64 16.24
C GLN D 56 16.51 7.37 17.10
N ALA D 57 15.21 7.25 16.74
CA ALA D 57 14.13 7.87 17.48
C ALA D 57 13.85 7.12 18.79
N THR D 58 14.14 5.81 18.85
CA THR D 58 13.99 5.04 20.09
C THR D 58 15.11 5.34 21.09
N GLU D 59 16.25 5.90 20.62
CA GLU D 59 17.38 6.26 21.48
C GLU D 59 17.23 7.73 21.91
N ASP D 60 16.82 8.61 20.99
CA ASP D 60 16.64 10.04 21.27
C ASP D 60 15.47 10.30 22.22
N VAL D 61 14.42 9.48 22.15
CA VAL D 61 13.27 9.60 23.05
C VAL D 61 13.61 9.01 24.42
N ARG D 62 14.42 7.91 24.46
CA ARG D 62 14.87 7.27 25.69
C ARG D 62 15.75 8.22 26.50
N GLN D 63 16.64 8.98 25.83
CA GLN D 63 17.53 9.95 26.47
C GLN D 63 16.72 11.12 27.07
N ASN D 64 15.64 11.52 26.39
CA ASN D 64 14.78 12.60 26.85
C ASN D 64 13.96 12.18 28.08
N LEU D 65 13.29 11.00 28.03
CA LEU D 65 12.53 10.52 29.20
C LEU D 65 13.44 10.08 30.36
N GLU D 66 14.75 9.91 30.11
CA GLU D 66 15.74 9.55 31.13
C GLU D 66 16.09 10.84 31.86
N THR D 67 16.35 11.94 31.13
CA THR D 67 16.69 13.22 31.73
C THR D 67 15.49 13.88 32.40
N ILE D 68 14.24 13.65 31.91
CA ILE D 68 13.07 14.23 32.59
C ILE D 68 12.84 13.59 33.95
N GLU D 69 13.15 12.29 34.08
CA GLU D 69 12.98 11.59 35.33
C GLU D 69 14.19 11.74 36.25
N ILE D 70 15.38 11.97 35.69
CA ILE D 70 16.60 12.20 36.47
C ILE D 70 16.49 13.60 37.09
N GLN D 71 16.09 14.60 36.29
CA GLN D 71 15.90 15.97 36.77
C GLN D 71 14.71 16.07 37.73
N ASN D 72 13.66 15.25 37.51
CA ASN D 72 12.49 15.23 38.39
C ASN D 72 12.84 14.70 39.79
N ILE D 73 13.78 13.76 39.86
CA ILE D 73 14.18 13.18 41.15
C ILE D 73 15.15 14.12 41.89
N GLU D 74 15.94 14.94 41.15
CA GLU D 74 16.85 15.92 41.73
C GLU D 74 16.04 17.08 42.33
N LEU D 75 14.92 17.45 41.71
CA LEU D 75 14.03 18.49 42.21
C LEU D 75 13.34 18.04 43.51
N ASP D 76 13.04 16.74 43.64
CA ASP D 76 12.44 16.21 44.86
C ASP D 76 13.48 16.12 45.99
N LEU D 77 14.74 15.85 45.64
CA LEU D 77 15.87 15.73 46.54
C LEU D 77 16.27 17.11 47.07
N ALA D 78 16.39 18.11 46.19
CA ALA D 78 16.75 19.48 46.60
C ALA D 78 15.66 20.12 47.46
N ARG D 79 14.39 19.77 47.21
CA ARG D 79 13.24 20.26 47.96
C ARG D 79 13.23 19.67 49.38
N LYS D 80 13.60 18.39 49.50
CA LYS D 80 13.68 17.69 50.78
C LYS D 80 14.90 18.15 51.58
N GLU D 81 16.02 18.47 50.89
CA GLU D 81 17.25 18.93 51.51
C GLU D 81 17.11 20.36 52.05
N ALA D 82 16.32 21.20 51.40
CA ALA D 82 16.11 22.57 51.88
C ALA D 82 15.24 22.57 53.13
N LEU D 83 14.26 21.66 53.20
CA LEU D 83 13.39 21.53 54.35
C LEU D 83 14.14 20.98 55.57
N GLU D 84 15.12 20.09 55.32
CA GLU D 84 15.93 19.51 56.35
C GLU D 84 17.00 20.49 56.83
N ALA D 85 17.56 21.31 55.94
CA ALA D 85 18.54 22.31 56.32
C ALA D 85 17.91 23.39 57.22
N SER D 86 16.62 23.71 57.01
CA SER D 86 15.91 24.69 57.82
C SER D 86 15.54 24.12 59.20
N ARG D 87 15.22 22.82 59.25
CA ARG D 87 14.88 22.13 60.48
C ARG D 87 16.15 21.97 61.35
N ILE D 88 17.27 21.67 60.71
CA ILE D 88 18.55 21.51 61.38
C ILE D 88 19.09 22.88 61.84
N LYS D 89 18.91 23.95 61.05
CA LYS D 89 19.36 25.30 61.42
C LYS D 89 18.65 25.74 62.71
N SER D 90 17.34 25.48 62.79
CA SER D 90 16.51 25.81 63.93
C SER D 90 16.92 25.03 65.19
N GLU D 91 17.22 23.73 65.04
CA GLU D 91 17.65 22.88 66.14
C GLU D 91 19.04 23.27 66.63
N PHE D 92 19.93 23.63 65.70
CA PHE D 92 21.30 24.02 65.99
C PHE D 92 21.32 25.28 66.85
N LEU D 93 20.48 26.27 66.51
CA LEU D 93 20.40 27.51 67.23
C LEU D 93 19.83 27.31 68.62
N ALA D 94 18.83 26.45 68.77
CA ALA D 94 18.23 26.17 70.08
C ALA D 94 19.25 25.48 70.99
N ASN D 95 20.02 24.56 70.44
CA ASN D 95 21.05 23.84 71.19
C ASN D 95 22.19 24.73 71.59
N MSE D 96 22.55 25.68 70.73
CA MSE D 96 23.60 26.66 70.94
C MSE D 96 23.18 27.61 72.08
O MSE D 96 23.98 27.91 72.95
CB MSE D 96 23.82 27.42 69.64
CG MSE D 96 24.75 28.56 69.76
SE MSE D 96 24.54 29.77 68.29
CE MSE D 96 24.98 28.58 66.96
N SER D 97 21.91 28.04 72.08
CA SER D 97 21.35 28.91 73.09
C SER D 97 21.41 28.21 74.46
N HIS D 98 21.01 26.95 74.50
CA HIS D 98 21.00 26.16 75.70
C HIS D 98 22.39 25.93 76.26
N GLU D 99 23.37 25.72 75.37
CA GLU D 99 24.75 25.47 75.73
C GLU D 99 25.40 26.68 76.38
N ILE D 100 25.04 27.90 75.91
CA ILE D 100 25.53 29.16 76.45
C ILE D 100 24.83 29.51 77.75
N ARG D 101 23.54 29.20 77.86
CA ARG D 101 22.72 29.49 79.04
C ARG D 101 23.26 28.86 80.34
N THR D 102 23.82 27.65 80.26
CA THR D 102 24.34 26.97 81.43
C THR D 102 25.50 27.78 82.06
N PRO D 103 26.64 28.02 81.38
CA PRO D 103 27.68 28.86 82.00
C PRO D 103 27.25 30.31 82.27
N LEU D 104 26.33 30.88 81.47
CA LEU D 104 25.87 32.23 81.70
C LEU D 104 25.14 32.35 83.02
N ASN D 105 24.33 31.33 83.37
CA ASN D 105 23.59 31.41 84.61
CA ASN D 105 23.57 31.27 84.61
C ASN D 105 24.51 31.23 85.83
N GLY D 106 25.67 30.62 85.64
CA GLY D 106 26.70 30.49 86.67
C GLY D 106 27.33 31.84 86.89
N ILE D 107 27.60 32.61 85.83
CA ILE D 107 28.15 33.96 85.91
C ILE D 107 27.14 34.84 86.65
N LEU D 108 25.86 34.78 86.25
CA LEU D 108 24.82 35.60 86.86
C LEU D 108 24.62 35.27 88.30
N GLY D 109 24.57 33.99 88.62
CA GLY D 109 24.37 33.50 89.97
C GLY D 109 25.47 33.87 90.92
N PHE D 110 26.72 33.61 90.55
CA PHE D 110 27.87 33.94 91.40
C PHE D 110 28.17 35.42 91.48
N THR D 111 27.71 36.22 90.48
CA THR D 111 27.88 37.67 90.54
C THR D 111 26.93 38.19 91.62
N ASN D 112 25.69 37.67 91.71
CA ASN D 112 24.72 38.04 92.77
C ASN D 112 25.22 37.70 94.17
N LEU D 113 25.86 36.53 94.30
CA LEU D 113 26.42 36.07 95.56
C LEU D 113 27.57 37.00 95.99
N LEU D 114 28.40 37.45 95.04
CA LEU D 114 29.51 38.36 95.35
C LEU D 114 28.97 39.74 95.69
N GLN D 115 27.89 40.18 95.01
CA GLN D 115 27.24 41.46 95.28
C GLN D 115 26.67 41.51 96.69
N LYS D 116 26.32 40.36 97.30
CA LYS D 116 25.85 40.32 98.69
C LYS D 116 26.99 40.22 99.71
N SER D 117 28.24 40.43 99.31
CA SER D 117 29.37 40.32 100.22
C SER D 117 30.05 41.67 100.46
N GLU D 118 30.95 41.73 101.44
CA GLU D 118 31.62 42.95 101.82
C GLU D 118 32.68 43.33 100.82
N LEU D 119 32.43 44.38 100.02
CA LEU D 119 33.34 44.86 98.97
C LEU D 119 33.45 46.38 98.98
N SER D 120 34.52 46.92 98.42
CA SER D 120 34.72 48.37 98.32
C SER D 120 33.83 48.95 97.22
N PRO D 121 33.60 50.29 97.19
CA PRO D 121 32.78 50.87 96.10
C PRO D 121 33.34 50.57 94.71
N ARG D 122 34.67 50.53 94.55
CA ARG D 122 35.30 50.22 93.28
C ARG D 122 35.01 48.78 92.91
N GLN D 123 35.15 47.82 93.85
CA GLN D 123 34.86 46.42 93.62
C GLN D 123 33.39 46.22 93.25
N GLN D 124 32.48 46.98 93.86
CA GLN D 124 31.04 46.87 93.53
C GLN D 124 30.72 47.42 92.15
N ASP D 125 31.51 48.39 91.66
CA ASP D 125 31.28 48.94 90.34
C ASP D 125 31.73 47.97 89.27
N TYR D 126 32.79 47.19 89.52
CA TYR D 126 33.25 46.15 88.60
C TYR D 126 32.18 45.08 88.50
N LEU D 127 31.56 44.70 89.63
CA LEU D 127 30.50 43.68 89.61
C LEU D 127 29.28 44.17 88.88
N THR D 128 28.90 45.42 89.09
CA THR D 128 27.75 46.01 88.38
C THR D 128 27.94 45.97 86.87
N THR D 129 29.20 46.15 86.41
CA THR D 129 29.57 46.08 84.99
C THR D 129 29.52 44.65 84.49
N ILE D 130 30.03 43.66 85.26
CA ILE D 130 29.94 42.24 84.91
C ILE D 130 28.47 41.84 84.81
N GLN D 131 27.64 42.33 85.72
CA GLN D 131 26.20 42.02 85.78
C GLN D 131 25.47 42.58 84.56
N LYS D 132 25.75 43.83 84.17
CA LYS D 132 25.11 44.43 83.01
C LYS D 132 25.54 43.76 81.72
N SER D 133 26.80 43.34 81.64
CA SER D 133 27.32 42.64 80.49
C SER D 133 26.67 41.28 80.38
N ALA D 134 26.51 40.57 81.51
CA ALA D 134 25.89 39.25 81.53
C ALA D 134 24.40 39.33 81.22
N GLU D 135 23.72 40.41 81.65
CA GLU D 135 22.31 40.61 81.37
C GLU D 135 22.06 40.89 79.89
N SER D 136 23.01 41.57 79.22
CA SER D 136 22.91 41.80 77.77
C SER D 136 23.12 40.48 77.05
N LEU D 137 24.09 39.69 77.50
CA LEU D 137 24.39 38.38 76.93
C LEU D 137 23.16 37.45 77.07
N LEU D 138 22.42 37.56 78.18
CA LEU D 138 21.20 36.81 78.40
C LEU D 138 20.11 37.20 77.39
N GLY D 139 20.01 38.50 77.12
CA GLY D 139 19.06 39.00 76.14
C GLY D 139 19.36 38.48 74.76
N ILE D 140 20.66 38.33 74.42
CA ILE D 140 21.08 37.81 73.12
C ILE D 140 20.71 36.35 72.98
N ILE D 141 21.03 35.48 73.97
CA ILE D 141 20.67 34.05 73.85
C ILE D 141 19.15 33.82 73.94
N ASN D 142 18.38 34.78 74.48
CA ASN D 142 16.92 34.69 74.47
C ASN D 142 16.43 34.98 73.05
N GLU D 143 17.08 35.90 72.32
CA GLU D 143 16.75 36.20 70.95
C GLU D 143 17.14 35.06 70.04
N ILE D 144 18.25 34.36 70.31
CA ILE D 144 18.65 33.19 69.52
C ILE D 144 17.59 32.09 69.66
N LEU D 145 17.06 31.90 70.87
CA LEU D 145 16.02 30.91 71.11
C LEU D 145 14.73 31.33 70.40
N ASP D 146 14.40 32.62 70.45
CA ASP D 146 13.23 33.20 69.78
C ASP D 146 13.31 33.01 68.27
N PHE D 147 14.48 33.27 67.70
CA PHE D 147 14.72 33.13 66.27
C PHE D 147 14.65 31.68 65.84
N SER D 148 15.09 30.74 66.68
CA SER D 148 15.00 29.32 66.34
C SER D 148 13.54 28.86 66.28
N LYS D 149 12.64 29.49 67.07
CA LYS D 149 11.21 29.18 67.07
C LYS D 149 10.54 29.77 65.83
N ILE D 150 10.95 30.98 65.43
CA ILE D 150 10.44 31.64 64.23
C ILE D 150 10.91 30.87 62.98
N GLU D 151 12.17 30.43 62.97
CA GLU D 151 12.76 29.63 61.89
C GLU D 151 12.05 28.28 61.72
N ALA D 152 11.53 27.71 62.82
CA ALA D 152 10.79 26.46 62.76
C ALA D 152 9.28 26.65 62.50
N GLY D 153 8.80 27.89 62.47
CA GLY D 153 7.39 28.19 62.31
C GLY D 153 6.57 27.91 63.56
N LYS D 154 7.23 27.67 64.70
CA LYS D 154 6.57 27.36 65.96
C LYS D 154 6.35 28.56 66.85
N LEU D 155 6.29 29.78 66.28
CA LEU D 155 6.05 30.97 67.07
C LEU D 155 4.58 31.35 67.03
N VAL D 156 3.90 31.27 68.18
CA VAL D 156 2.48 31.59 68.29
C VAL D 156 2.29 32.99 68.86
N LEU D 157 1.57 33.85 68.12
CA LEU D 157 1.32 35.21 68.58
C LEU D 157 0.12 35.25 69.53
N GLU D 158 0.26 35.94 70.67
CA GLU D 158 -0.82 36.08 71.64
C GLU D 158 -1.97 36.96 71.09
N ASN D 159 -3.11 36.94 71.76
CA ASN D 159 -4.29 37.71 71.35
C ASN D 159 -4.83 38.42 72.58
N LEU D 160 -4.24 39.56 72.91
CA LEU D 160 -4.62 40.33 74.09
C LEU D 160 -4.93 41.77 73.73
N PRO D 161 -5.97 42.35 74.35
CA PRO D 161 -6.24 43.78 74.12
C PRO D 161 -5.13 44.61 74.79
N PHE D 162 -4.78 45.75 74.18
CA PHE D 162 -3.74 46.61 74.74
C PHE D 162 -3.92 48.09 74.40
N ASN D 163 -3.25 48.97 75.15
CA ASN D 163 -3.30 50.40 74.88
C ASN D 163 -1.99 50.75 74.18
N LEU D 164 -2.07 51.19 72.92
CA LEU D 164 -0.90 51.55 72.13
C LEU D 164 -0.10 52.70 72.73
N ARG D 165 -0.77 53.70 73.33
CA ARG D 165 -0.07 54.82 73.95
C ARG D 165 0.74 54.33 75.14
N ASP D 166 0.14 53.48 75.98
CA ASP D 166 0.82 52.91 77.15
C ASP D 166 1.99 52.04 76.72
N LEU D 167 1.82 51.26 75.66
CA LEU D 167 2.85 50.37 75.14
C LEU D 167 4.10 51.12 74.71
N ILE D 168 3.94 52.22 73.95
CA ILE D 168 5.08 53.01 73.48
C ILE D 168 5.75 53.73 74.66
N GLN D 169 4.94 54.23 75.62
CA GLN D 169 5.48 54.92 76.78
C GLN D 169 6.29 53.97 77.67
N ASP D 170 5.84 52.71 77.81
CA ASP D 170 6.55 51.71 78.61
C ASP D 170 7.85 51.28 77.96
N ALA D 171 7.87 51.18 76.61
CA ALA D 171 9.07 50.82 75.87
C ALA D 171 10.12 51.94 75.95
N LEU D 172 9.68 53.20 75.97
CA LEU D 172 10.57 54.35 76.07
C LEU D 172 11.10 54.54 77.48
N THR D 173 10.33 54.15 78.51
CA THR D 173 10.77 54.23 79.90
C THR D 173 11.90 53.23 80.16
N MSE D 174 11.83 52.04 79.56
CA MSE D 174 12.86 51.02 79.70
C MSE D 174 14.17 51.44 79.01
O MSE D 174 15.24 51.06 79.46
CB MSE D 174 12.37 49.68 79.15
CG MSE D 174 12.08 48.66 80.25
SE MSE D 174 10.27 47.90 80.14
CE MSE D 174 9.39 49.02 81.49
N LEU D 175 14.08 52.22 77.93
CA LEU D 175 15.25 52.69 77.20
C LEU D 175 15.76 54.06 77.61
N ALA D 176 15.12 54.70 78.60
CA ALA D 176 15.56 56.01 79.10
C ALA D 176 16.97 55.99 79.71
N PRO D 177 17.40 54.95 80.47
CA PRO D 177 18.79 54.96 80.98
C PRO D 177 19.82 54.97 79.85
N ALA D 178 19.63 54.14 78.81
CA ALA D 178 20.53 54.05 77.66
C ALA D 178 20.57 55.34 76.84
N ALA D 179 19.42 56.02 76.73
CA ALA D 179 19.33 57.27 75.99
C ALA D 179 19.98 58.40 76.78
N HIS D 180 19.78 58.44 78.10
CA HIS D 180 20.38 59.46 78.96
C HIS D 180 21.89 59.26 79.14
N GLU D 181 22.39 58.03 78.93
CA GLU D 181 23.81 57.69 78.96
C GLU D 181 24.55 58.42 77.83
N LYS D 182 23.92 58.51 76.64
CA LYS D 182 24.50 59.17 75.48
C LYS D 182 24.05 60.63 75.30
N GLN D 183 23.41 61.23 76.34
CA GLN D 183 22.91 62.61 76.35
C GLN D 183 21.81 62.86 75.31
N LEU D 184 20.93 61.88 75.11
CA LEU D 184 19.83 61.97 74.17
C LEU D 184 18.49 62.09 74.91
N GLU D 185 17.47 62.63 74.23
CA GLU D 185 16.14 62.73 74.79
C GLU D 185 15.21 61.73 74.09
N LEU D 186 14.28 61.12 74.83
CA LEU D 186 13.33 60.18 74.27
C LEU D 186 11.97 60.83 74.24
N VAL D 187 11.43 61.00 73.05
CA VAL D 187 10.14 61.65 72.87
C VAL D 187 9.12 60.69 72.25
N SER D 188 7.87 60.77 72.72
CA SER D 188 6.79 59.94 72.22
C SER D 188 5.65 60.81 71.74
N LEU D 189 4.99 60.41 70.65
CA LEU D 189 3.89 61.19 70.11
C LEU D 189 2.82 60.34 69.46
N VAL D 190 1.71 60.18 70.16
CA VAL D 190 0.57 59.43 69.64
C VAL D 190 -0.49 60.48 69.36
N TYR D 191 -0.86 60.64 68.09
CA TYR D 191 -1.82 61.66 67.68
C TYR D 191 -3.25 61.42 68.19
N ARG D 192 -4.08 62.48 68.18
CA ARG D 192 -5.46 62.40 68.66
C ARG D 192 -6.31 61.42 67.85
N ASP D 193 -6.09 61.37 66.52
CA ASP D 193 -6.85 60.46 65.66
C ASP D 193 -6.29 59.03 65.60
N THR D 194 -5.22 58.74 66.36
CA THR D 194 -4.64 57.39 66.36
C THR D 194 -5.43 56.47 67.27
N PRO D 195 -5.99 55.37 66.71
CA PRO D 195 -6.74 54.42 67.55
C PRO D 195 -5.79 53.68 68.46
N ILE D 196 -5.89 53.87 69.79
CA ILE D 196 -4.97 53.24 70.73
C ILE D 196 -5.50 51.94 71.34
N GLN D 197 -6.82 51.72 71.33
CA GLN D 197 -7.38 50.48 71.89
C GLN D 197 -7.39 49.37 70.85
N LEU D 198 -6.29 48.62 70.79
CA LEU D 198 -6.10 47.56 69.79
C LEU D 198 -6.02 46.15 70.42
N GLN D 199 -5.80 45.12 69.60
CA GLN D 199 -5.71 43.74 70.09
C GLN D 199 -4.64 42.98 69.27
N GLY D 200 -3.75 42.27 69.97
CA GLY D 200 -2.70 41.51 69.31
C GLY D 200 -1.67 40.99 70.28
N ASP D 201 -0.39 41.10 69.94
CA ASP D 201 0.68 40.65 70.83
C ASP D 201 1.42 41.88 71.34
N PRO D 202 1.03 42.39 72.52
CA PRO D 202 1.71 43.58 73.05
C PRO D 202 3.17 43.37 73.44
N GLN D 203 3.56 42.15 73.80
CA GLN D 203 4.95 41.88 74.18
C GLN D 203 5.85 41.77 72.95
N ARG D 204 5.34 41.22 71.84
CA ARG D 204 6.12 41.12 70.62
C ARG D 204 6.21 42.47 69.89
N LEU D 205 5.16 43.29 69.99
CA LEU D 205 5.18 44.62 69.40
C LEU D 205 6.16 45.52 70.19
N LYS D 206 6.22 45.35 71.53
CA LYS D 206 7.12 46.05 72.43
C LYS D 206 8.58 45.63 72.17
N GLN D 207 8.80 44.37 71.80
CA GLN D 207 10.11 43.80 71.48
C GLN D 207 10.67 44.47 70.22
N ILE D 208 9.80 44.69 69.21
CA ILE D 208 10.16 45.36 67.97
C ILE D 208 10.52 46.82 68.28
N LEU D 209 9.66 47.53 69.03
CA LEU D 209 9.88 48.92 69.40
C LEU D 209 11.13 49.14 70.21
N THR D 210 11.37 48.33 71.26
CA THR D 210 12.57 48.49 72.07
C THR D 210 13.83 48.26 71.23
N ASN D 211 13.78 47.33 70.26
CA ASN D 211 14.92 47.08 69.40
C ASN D 211 15.16 48.25 68.46
N LEU D 212 14.10 48.79 67.85
CA LEU D 212 14.24 49.90 66.92
C LEU D 212 14.71 51.16 67.63
N VAL D 213 14.14 51.46 68.80
CA VAL D 213 14.53 52.63 69.59
C VAL D 213 15.95 52.46 70.14
N GLY D 214 16.28 51.24 70.58
CA GLY D 214 17.60 50.90 71.08
C GLY D 214 18.67 51.06 70.02
N ASN D 215 18.34 50.70 68.77
CA ASN D 215 19.27 50.83 67.65
C ASN D 215 19.41 52.31 67.29
N ALA D 216 18.30 53.05 67.25
CA ALA D 216 18.33 54.49 67.00
C ALA D 216 19.22 55.24 68.02
N ILE D 217 19.23 54.81 69.29
CA ILE D 217 20.06 55.41 70.34
C ILE D 217 21.57 55.22 70.01
N LYS D 218 21.94 54.05 69.50
CA LYS D 218 23.31 53.74 69.11
C LYS D 218 23.75 54.53 67.87
N PHE D 219 22.83 54.80 66.95
CA PHE D 219 23.16 55.46 65.68
C PHE D 219 23.42 56.98 65.78
N THR D 220 23.02 57.64 66.89
CA THR D 220 23.23 59.08 67.00
C THR D 220 24.07 59.49 68.21
N GLN D 221 24.80 60.59 68.07
CA GLN D 221 25.65 61.14 69.13
C GLN D 221 24.96 62.19 70.00
N GLY D 222 23.94 62.84 69.45
CA GLY D 222 23.20 63.88 70.16
C GLY D 222 21.83 64.13 69.57
N GLY D 223 21.00 64.84 70.32
CA GLY D 223 19.67 65.18 69.87
C GLY D 223 18.58 64.39 70.55
N THR D 224 17.51 64.14 69.82
CA THR D 224 16.34 63.42 70.31
C THR D 224 15.99 62.24 69.41
N VAL D 225 15.53 61.14 70.01
CA VAL D 225 15.01 59.99 69.30
C VAL D 225 13.50 60.17 69.46
N ALA D 226 12.78 60.41 68.35
CA ALA D 226 11.35 60.65 68.42
C ALA D 226 10.50 59.53 67.85
N VAL D 227 9.57 59.01 68.65
CA VAL D 227 8.65 57.96 68.18
C VAL D 227 7.28 58.56 67.88
N ARG D 228 6.73 58.35 66.68
CA ARG D 228 5.41 58.87 66.32
C ARG D 228 4.49 57.71 65.92
N ALA D 229 3.25 57.72 66.41
CA ALA D 229 2.28 56.67 66.07
C ALA D 229 1.18 57.33 65.25
N MSE D 230 1.05 56.95 63.98
CA MSE D 230 0.07 57.57 63.09
C MSE D 230 -0.89 56.59 62.43
O MSE D 230 -0.53 55.46 62.14
CB MSE D 230 0.79 58.32 61.95
CG MSE D 230 1.90 59.22 62.41
SE MSE D 230 3.36 59.24 61.13
CE MSE D 230 4.51 57.91 61.93
N LEU D 231 -2.09 57.08 62.11
CA LEU D 231 -3.09 56.29 61.40
C LEU D 231 -2.85 56.44 59.89
N GLU D 232 -2.96 55.35 59.14
CA GLU D 232 -2.77 55.39 57.70
C GLU D 232 -4.11 55.14 57.00
N ASP D 233 -4.85 54.13 57.47
CA ASP D 233 -6.15 53.71 56.95
C ASP D 233 -6.97 53.15 58.13
N GLU D 234 -8.30 53.33 58.13
CA GLU D 234 -9.12 52.85 59.24
C GLU D 234 -10.49 52.29 58.83
N SER D 235 -10.87 51.18 59.46
CA SER D 235 -12.17 50.55 59.23
C SER D 235 -12.90 50.34 60.60
N ASP D 236 -14.12 49.77 60.58
CA ASP D 236 -14.90 49.54 61.81
C ASP D 236 -14.24 48.54 62.74
N ASP D 237 -13.58 47.52 62.17
CA ASP D 237 -12.97 46.47 62.98
C ASP D 237 -11.44 46.53 63.08
N ARG D 238 -10.74 47.09 62.06
CA ARG D 238 -9.27 47.15 62.10
C ARG D 238 -8.71 48.58 62.00
N ALA D 239 -7.39 48.74 62.20
CA ALA D 239 -6.69 50.02 62.10
C ALA D 239 -5.30 49.78 61.49
N GLN D 240 -4.96 50.52 60.42
CA GLN D 240 -3.66 50.40 59.76
C GLN D 240 -2.77 51.52 60.32
N LEU D 241 -1.66 51.15 60.95
CA LEU D 241 -0.79 52.13 61.61
C LEU D 241 0.62 52.19 61.06
N ARG D 242 1.26 53.34 61.26
CA ARG D 242 2.65 53.56 60.93
C ARG D 242 3.34 54.09 62.17
N ILE D 243 4.44 53.46 62.59
CA ILE D 243 5.20 53.94 63.74
C ILE D 243 6.60 54.23 63.27
N SER D 244 7.08 55.45 63.50
CA SER D 244 8.42 55.83 63.08
C SER D 244 9.34 56.14 64.27
N VAL D 245 10.58 55.68 64.22
CA VAL D 245 11.59 55.95 65.26
C VAL D 245 12.67 56.77 64.56
N GLN D 246 12.62 58.09 64.72
CA GLN D 246 13.53 58.99 64.01
C GLN D 246 14.58 59.66 64.87
N ASP D 247 15.83 59.70 64.39
CA ASP D 247 16.89 60.44 65.04
C ASP D 247 16.90 61.77 64.29
N THR D 248 16.29 62.81 64.86
CA THR D 248 16.17 64.11 64.20
C THR D 248 17.54 64.79 63.98
N GLY D 249 18.49 64.55 64.87
CA GLY D 249 19.85 65.05 64.79
C GLY D 249 20.04 66.56 64.86
N ILE D 250 19.27 67.23 65.73
CA ILE D 250 19.41 68.68 65.87
C ILE D 250 20.68 69.01 66.66
N GLY D 251 21.51 69.87 66.10
CA GLY D 251 22.77 70.26 66.73
C GLY D 251 23.94 69.35 66.40
N LEU D 252 23.74 68.37 65.51
CA LEU D 252 24.80 67.44 65.13
C LEU D 252 25.76 68.11 64.17
N SER D 253 27.08 67.90 64.38
CA SER D 253 28.09 68.44 63.48
C SER D 253 28.06 67.66 62.13
N GLU D 254 28.76 68.15 61.10
CA GLU D 254 28.79 67.47 59.80
C GLU D 254 29.31 66.03 59.90
N GLU D 255 30.30 65.79 60.80
CA GLU D 255 30.89 64.48 61.02
C GLU D 255 29.88 63.54 61.66
N ASP D 256 29.12 64.02 62.66
CA ASP D 256 28.09 63.24 63.34
C ASP D 256 26.86 63.01 62.46
N GLN D 257 26.59 63.92 61.51
CA GLN D 257 25.49 63.78 60.54
C GLN D 257 25.83 62.68 59.54
N GLN D 258 27.10 62.63 59.09
CA GLN D 258 27.58 61.60 58.17
C GLN D 258 27.53 60.23 58.85
N ALA D 259 27.94 60.18 60.14
CA ALA D 259 27.96 58.95 60.93
C ALA D 259 26.54 58.42 61.18
N LEU D 260 25.56 59.32 61.31
CA LEU D 260 24.16 58.96 61.53
C LEU D 260 23.55 58.31 60.30
N PHE D 261 23.75 58.93 59.11
CA PHE D 261 23.24 58.41 57.83
C PHE D 261 23.89 57.09 57.45
N LYS D 262 25.19 56.94 57.78
CA LYS D 262 25.96 55.74 57.50
C LYS D 262 25.44 54.58 58.36
N ALA D 263 25.15 54.84 59.64
CA ALA D 263 24.63 53.85 60.57
C ALA D 263 23.25 53.36 60.15
N PHE D 264 22.37 54.28 59.70
CA PHE D 264 21.03 53.93 59.26
C PHE D 264 21.01 53.23 57.91
N SER D 265 21.97 53.54 57.04
CA SER D 265 22.06 52.86 55.74
C SER D 265 22.60 51.43 55.92
N GLN D 266 23.46 51.22 56.94
CA GLN D 266 23.99 49.89 57.28
C GLN D 266 22.85 49.03 57.83
N ALA D 267 21.95 49.62 58.63
CA ALA D 267 20.76 48.96 59.20
C ALA D 267 19.75 48.62 58.11
N ASP D 268 19.64 49.46 57.07
CA ASP D 268 18.76 49.23 55.93
C ASP D 268 19.29 48.08 55.06
N ASN D 269 20.62 47.94 54.97
CA ASN D 269 21.26 46.86 54.22
C ASN D 269 21.05 45.54 54.97
N SER D 270 21.23 45.56 56.31
CA SER D 270 21.03 44.39 57.16
C SER D 270 19.59 43.91 57.22
N LEU D 271 18.63 44.82 56.97
CA LEU D 271 17.21 44.52 56.92
C LEU D 271 16.92 43.68 55.67
N SER D 272 17.55 44.01 54.54
CA SER D 272 17.36 43.29 53.28
C SER D 272 18.15 41.98 53.28
N ARG D 273 19.40 42.01 53.76
CA ARG D 273 20.31 40.87 53.81
C ARG D 273 19.89 39.81 54.83
N GLN D 274 19.44 40.26 56.00
CA GLN D 274 18.97 39.41 57.10
C GLN D 274 20.05 38.44 57.62
N ALA D 275 21.30 38.90 57.70
CA ALA D 275 22.39 38.07 58.20
C ALA D 275 22.89 38.43 59.61
N GLY D 276 22.14 39.27 60.32
CA GLY D 276 22.51 39.67 61.68
C GLY D 276 23.61 40.70 61.78
N GLY D 277 23.83 41.45 60.69
CA GLY D 277 24.87 42.47 60.62
C GLY D 277 24.68 43.61 61.60
N THR D 278 23.43 44.06 61.80
CA THR D 278 23.12 45.13 62.75
C THR D 278 22.52 44.54 64.08
N GLY D 279 22.87 43.30 64.38
CA GLY D 279 22.38 42.59 65.55
C GLY D 279 21.24 41.65 65.20
N LEU D 280 21.10 40.58 66.00
CA LEU D 280 20.03 39.61 65.83
C LEU D 280 18.65 40.21 66.13
N GLY D 281 18.60 41.21 67.00
CA GLY D 281 17.35 41.88 67.34
C GLY D 281 16.62 42.46 66.16
N LEU D 282 17.38 43.00 65.20
CA LEU D 282 16.80 43.59 63.99
C LEU D 282 16.25 42.50 63.06
N VAL D 283 16.90 41.32 63.04
CA VAL D 283 16.44 40.17 62.26
C VAL D 283 15.10 39.69 62.81
N ILE D 284 14.96 39.64 64.14
CA ILE D 284 13.74 39.24 64.81
C ILE D 284 12.66 40.29 64.63
N SER D 285 13.02 41.58 64.66
CA SER D 285 12.05 42.67 64.47
C SER D 285 11.41 42.57 63.09
N LYS D 286 12.19 42.21 62.06
CA LYS D 286 11.66 42.06 60.70
C LYS D 286 10.79 40.82 60.59
N ARG D 287 11.21 39.69 61.17
CA ARG D 287 10.43 38.45 61.13
C ARG D 287 9.12 38.57 61.91
N LEU D 288 9.12 39.33 63.03
CA LEU D 288 7.92 39.52 63.86
C LEU D 288 6.91 40.41 63.17
N ILE D 289 7.35 41.54 62.60
CA ILE D 289 6.44 42.45 61.90
C ILE D 289 5.87 41.78 60.65
N GLU D 290 6.64 40.94 59.97
CA GLU D 290 6.16 40.20 58.80
C GLU D 290 5.15 39.13 59.19
N GLN D 291 5.33 38.50 60.36
CA GLN D 291 4.39 37.52 60.89
C GLN D 291 3.04 38.19 61.23
N MSE D 292 3.05 39.47 61.63
CA MSE D 292 1.84 40.24 61.90
C MSE D 292 1.20 40.84 60.63
O MSE D 292 0.21 41.57 60.74
CB MSE D 292 2.14 41.36 62.90
CG MSE D 292 2.76 40.87 64.20
SE MSE D 292 3.25 42.33 65.39
CE MSE D 292 4.24 41.32 66.68
N GLY D 293 1.74 40.54 59.46
CA GLY D 293 1.26 41.03 58.18
C GLY D 293 1.66 42.47 57.92
N GLY D 294 2.87 42.82 58.31
CA GLY D 294 3.37 44.19 58.15
C GLY D 294 4.69 44.35 57.44
N GLU D 295 5.20 45.58 57.41
CA GLU D 295 6.45 45.94 56.74
C GLU D 295 7.37 46.76 57.65
N ILE D 296 8.67 46.77 57.34
CA ILE D 296 9.66 47.53 58.07
C ILE D 296 10.69 48.10 57.10
N GLY D 297 11.10 49.34 57.31
CA GLY D 297 12.08 50.00 56.46
C GLY D 297 12.82 51.14 57.12
N VAL D 298 13.70 51.79 56.36
CA VAL D 298 14.52 52.91 56.82
C VAL D 298 14.39 54.08 55.84
N ASP D 299 13.98 55.27 56.33
CA ASP D 299 13.84 56.47 55.50
C ASP D 299 14.94 57.50 55.83
N SER D 300 15.27 58.40 54.90
CA SER D 300 16.33 59.39 55.12
C SER D 300 16.17 60.68 54.31
N THR D 301 16.45 61.84 54.94
CA THR D 301 16.45 63.18 54.33
C THR D 301 17.65 63.93 54.91
N PRO D 302 18.54 64.46 54.05
CA PRO D 302 19.77 65.13 54.54
C PRO D 302 19.61 66.20 55.64
N GLY D 303 18.59 67.04 55.54
CA GLY D 303 18.35 68.08 56.53
C GLY D 303 17.16 67.75 57.41
N GLU D 304 17.02 66.47 57.76
CA GLU D 304 15.91 66.00 58.58
C GLU D 304 16.26 64.77 59.45
N GLY D 305 17.41 64.14 59.21
CA GLY D 305 17.80 62.95 59.94
C GLY D 305 17.15 61.70 59.38
N ALA D 306 17.67 60.53 59.76
CA ALA D 306 17.13 59.27 59.27
C ALA D 306 16.20 58.58 60.30
N GLU D 307 15.38 57.61 59.85
CA GLU D 307 14.45 56.94 60.76
C GLU D 307 14.15 55.49 60.38
N PHE D 308 13.61 54.73 61.34
CA PHE D 308 13.09 53.38 61.14
C PHE D 308 11.56 53.56 61.04
N TRP D 309 10.87 52.66 60.33
CA TRP D 309 9.42 52.70 60.27
C TRP D 309 8.83 51.31 60.21
N ILE D 310 7.64 51.16 60.77
CA ILE D 310 6.90 49.90 60.70
C ILE D 310 5.48 50.20 60.28
N SER D 311 4.92 49.36 59.42
CA SER D 311 3.54 49.51 58.98
C SER D 311 2.83 48.22 59.32
N LEU D 312 1.71 48.28 60.05
CA LEU D 312 0.99 47.06 60.43
C LEU D 312 -0.49 47.27 60.63
N SER D 313 -1.29 46.22 60.41
CA SER D 313 -2.72 46.31 60.62
C SER D 313 -3.10 45.47 61.83
N LEU D 314 -3.86 46.05 62.75
CA LEU D 314 -4.29 45.37 63.97
C LEU D 314 -5.78 45.60 64.21
N PRO D 315 -6.50 44.60 64.72
CA PRO D 315 -7.93 44.81 65.04
C PRO D 315 -8.10 45.72 66.26
N LYS D 316 -9.30 46.27 66.43
CA LYS D 316 -9.60 47.13 67.56
C LYS D 316 -10.32 46.38 68.69
N SER D 317 -10.15 46.85 69.94
CA SER D 317 -10.73 46.26 71.16
C SER D 317 -10.32 44.83 71.40
CA CA E . 34.13 -1.69 70.90
C1 PGR F . -44.19 -11.66 -57.94
C2 PGR F . -43.54 -11.92 -56.54
C3 PGR F . -44.57 -12.45 -55.56
O1 PGR F . -43.49 -10.53 -58.47
O2 PGR F . -42.43 -12.83 -56.61
C1 PGR G . -22.05 2.52 -83.59
C2 PGR G . -23.39 1.79 -83.72
C3 PGR G . -24.40 2.64 -84.48
O1 PGR G . -22.26 3.62 -82.71
O2 PGR G . -23.21 0.54 -84.40
C1 PGR H . -55.60 -8.27 -76.44
C2 PGR H . -55.37 -9.78 -76.07
C3 PGR H . -56.70 -10.49 -76.15
O1 PGR H . -55.22 -7.50 -75.31
O2 PGR H . -54.42 -10.44 -76.92
CA CA I . -23.52 6.19 -63.99
CA CA J . -45.79 -4.01 -62.09
#